data_7CGD
#
_entry.id   7CGD
#
_cell.length_a   57.641
_cell.length_b   124.681
_cell.length_c   85.148
_cell.angle_alpha   90.00
_cell.angle_beta   106.99
_cell.angle_gamma   90.00
#
_symmetry.space_group_name_H-M   'P 1 21 1'
#
loop_
_entity.id
_entity.type
_entity.pdbx_description
1 polymer 'Malate dehydrogenase'
2 non-polymer 'SILVER ION'
3 water water
#
_entity_poly.entity_id   1
_entity_poly.type   'polypeptide(L)'
_entity_poly.pdbx_seq_one_letter_code
;MKVAVLGAAGGIGQALALLLKTQLPSGSELSLYDIAPVTPGVAVDLSHIPTAVKIKGFSGEDATPALEGADVVLISAGVA
RKPGMDRSDLFNVNAGIVKNLVQQVAKTCPKACIGIITNPVNTTVAIAAEVLKKAGVYDKNKLFGVTTLDIIRSNTFVAE
LKGKQPGEVEVPVIGGHSGVTILPLLSQVPGVSFTEQEVADLTKRIQNAGTEVVEAKAGGGSATLSMGQAAARFGLSLVR
ALQGEQGVVECAYVEGDGQYARFFSQPLLLGKNGVEERKSIGTLSAFEQNALEGMLDTLKKDIALGQEFVNK
;
_entity_poly.pdbx_strand_id   A,B,C,D
#
loop_
_chem_comp.id
_chem_comp.type
_chem_comp.name
_chem_comp.formula
AG non-polymer 'SILVER ION' 'Ag 1'
#
# COMPACT_ATOMS: atom_id res chain seq x y z
N MET A 1 -25.52 -26.12 -4.98
CA MET A 1 -24.42 -26.76 -4.26
C MET A 1 -23.41 -25.71 -3.81
N LYS A 2 -23.22 -25.62 -2.50
CA LYS A 2 -22.41 -24.57 -1.88
C LYS A 2 -21.13 -25.15 -1.32
N VAL A 3 -20.00 -24.51 -1.66
CA VAL A 3 -18.68 -24.90 -1.19
C VAL A 3 -18.17 -23.83 -0.24
N ALA A 4 -17.76 -24.23 0.96
CA ALA A 4 -17.16 -23.33 1.94
C ALA A 4 -15.67 -23.58 2.00
N VAL A 5 -14.88 -22.53 1.87
CA VAL A 5 -13.43 -22.60 1.96
C VAL A 5 -13.01 -21.93 3.26
N LEU A 6 -12.50 -22.71 4.20
CA LEU A 6 -12.01 -22.20 5.48
C LEU A 6 -10.50 -22.02 5.37
N GLY A 7 -10.02 -20.80 5.59
CA GLY A 7 -8.65 -20.46 5.34
C GLY A 7 -8.42 -19.87 3.97
N ALA A 8 -9.37 -19.08 3.48
CA ALA A 8 -9.39 -18.64 2.10
C ALA A 8 -8.47 -17.44 1.83
N ALA A 9 -7.91 -16.84 2.86
CA ALA A 9 -7.04 -15.68 2.67
C ALA A 9 -5.58 -16.06 2.45
N GLY A 10 -5.20 -17.28 2.79
CA GLY A 10 -3.83 -17.72 2.62
C GLY A 10 -3.49 -17.99 1.17
N GLY A 11 -2.24 -18.41 0.95
CA GLY A 11 -1.77 -18.68 -0.40
C GLY A 11 -2.57 -19.79 -1.08
N ILE A 12 -2.75 -20.90 -0.39
CA ILE A 12 -3.53 -22.01 -0.94
C ILE A 12 -4.99 -21.59 -1.10
N GLY A 13 -5.53 -20.87 -0.11
CA GLY A 13 -6.95 -20.55 -0.13
C GLY A 13 -7.34 -19.61 -1.25
N GLN A 14 -6.50 -18.62 -1.55
CA GLN A 14 -6.83 -17.68 -2.61
C GLN A 14 -6.75 -18.32 -3.98
N ALA A 15 -5.73 -19.16 -4.21
CA ALA A 15 -5.64 -19.89 -5.47
C ALA A 15 -6.82 -20.84 -5.63
N LEU A 16 -7.21 -21.51 -4.54
CA LEU A 16 -8.35 -22.41 -4.59
C LEU A 16 -9.65 -21.65 -4.88
N ALA A 17 -9.84 -20.50 -4.22
CA ALA A 17 -11.07 -19.74 -4.42
C ALA A 17 -11.16 -19.19 -5.84
N LEU A 18 -10.02 -18.77 -6.41
CA LEU A 18 -10.02 -18.29 -7.79
C LEU A 18 -10.43 -19.39 -8.77
N LEU A 19 -9.87 -20.59 -8.58
CA LEU A 19 -10.18 -21.68 -9.48
C LEU A 19 -11.61 -22.17 -9.29
N LEU A 20 -12.12 -22.15 -8.05
CA LEU A 20 -13.51 -22.56 -7.84
C LEU A 20 -14.48 -21.53 -8.40
N LYS A 21 -14.15 -20.24 -8.26
CA LYS A 21 -15.00 -19.19 -8.82
C LYS A 21 -15.13 -19.35 -10.33
N THR A 22 -14.07 -19.78 -11.01
CA THR A 22 -14.04 -19.82 -12.46
C THR A 22 -14.37 -21.20 -13.03
N GLN A 23 -14.41 -22.25 -12.21
CA GLN A 23 -14.62 -23.60 -12.71
CA GLN A 23 -14.62 -23.60 -12.71
C GLN A 23 -15.79 -24.33 -12.07
N LEU A 24 -16.35 -23.82 -10.97
CA LEU A 24 -17.51 -24.48 -10.38
C LEU A 24 -18.68 -24.45 -11.36
N PRO A 25 -19.56 -25.46 -11.32
CA PRO A 25 -20.70 -25.48 -12.23
C PRO A 25 -21.62 -24.30 -11.99
N SER A 26 -22.33 -23.90 -13.05
CA SER A 26 -23.29 -22.81 -12.95
C SER A 26 -24.32 -23.09 -11.87
N GLY A 27 -24.64 -22.06 -11.08
CA GLY A 27 -25.56 -22.20 -9.98
C GLY A 27 -24.92 -22.54 -8.65
N SER A 28 -23.62 -22.82 -8.63
CA SER A 28 -22.93 -23.10 -7.38
C SER A 28 -22.80 -21.84 -6.54
N GLU A 29 -22.52 -22.04 -5.25
CA GLU A 29 -22.25 -20.94 -4.33
C GLU A 29 -20.93 -21.20 -3.64
N LEU A 30 -20.23 -20.11 -3.32
CA LEU A 30 -18.89 -20.18 -2.73
C LEU A 30 -18.83 -19.21 -1.56
N SER A 31 -18.44 -19.73 -0.39
CA SER A 31 -18.28 -18.91 0.80
C SER A 31 -16.84 -19.02 1.28
N LEU A 32 -16.20 -17.87 1.47
CA LEU A 32 -14.82 -17.80 1.93
C LEU A 32 -14.79 -17.37 3.38
N TYR A 33 -13.98 -18.05 4.19
CA TYR A 33 -13.78 -17.69 5.58
C TYR A 33 -12.30 -17.71 5.92
N ASP A 34 -11.87 -16.72 6.71
CA ASP A 34 -10.51 -16.67 7.23
C ASP A 34 -10.46 -15.60 8.31
N ILE A 35 -9.63 -15.84 9.33
CA ILE A 35 -9.44 -14.86 10.39
C ILE A 35 -8.89 -13.54 9.85
N ALA A 36 -8.21 -13.57 8.72
CA ALA A 36 -7.66 -12.36 8.15
C ALA A 36 -8.78 -11.40 7.75
N PRO A 37 -8.73 -10.13 8.17
CA PRO A 37 -9.83 -9.20 7.84
C PRO A 37 -9.99 -8.93 6.36
N VAL A 38 -9.05 -9.38 5.52
CA VAL A 38 -9.14 -9.13 4.08
C VAL A 38 -10.15 -10.04 3.40
N THR A 39 -10.57 -11.13 4.06
CA THR A 39 -11.37 -12.17 3.41
C THR A 39 -12.64 -11.66 2.75
N PRO A 40 -13.45 -10.78 3.36
CA PRO A 40 -14.64 -10.29 2.62
C PRO A 40 -14.29 -9.56 1.35
N GLY A 41 -13.18 -8.83 1.33
CA GLY A 41 -12.73 -8.18 0.11
C GLY A 41 -12.16 -9.14 -0.91
N VAL A 42 -11.66 -10.30 -0.48
CA VAL A 42 -11.23 -11.32 -1.41
C VAL A 42 -12.41 -11.85 -2.22
N ALA A 43 -13.57 -11.99 -1.56
CA ALA A 43 -14.76 -12.48 -2.25
C ALA A 43 -15.33 -11.43 -3.19
N VAL A 44 -15.37 -10.17 -2.76
CA VAL A 44 -15.82 -9.09 -3.65
C VAL A 44 -14.91 -9.02 -4.87
N ASP A 45 -13.60 -9.16 -4.67
CA ASP A 45 -12.65 -9.24 -5.77
C ASP A 45 -13.06 -10.32 -6.76
N LEU A 46 -13.28 -11.54 -6.27
CA LEU A 46 -13.69 -12.64 -7.14
C LEU A 46 -15.10 -12.44 -7.67
N SER A 47 -15.93 -11.68 -6.96
CA SER A 47 -17.31 -11.48 -7.39
C SER A 47 -17.40 -10.74 -8.72
N HIS A 48 -16.35 -10.03 -9.12
CA HIS A 48 -16.35 -9.29 -10.38
C HIS A 48 -16.03 -10.17 -11.58
N ILE A 49 -15.71 -11.43 -11.37
CA ILE A 49 -15.46 -12.36 -12.48
C ILE A 49 -16.79 -12.89 -12.99
N PRO A 50 -17.09 -12.77 -14.28
CA PRO A 50 -18.42 -13.15 -14.81
C PRO A 50 -18.66 -14.65 -14.96
N THR A 51 -18.87 -15.31 -13.83
CA THR A 51 -19.34 -16.68 -13.78
C THR A 51 -20.58 -16.76 -12.91
N ALA A 52 -21.39 -17.79 -13.14
CA ALA A 52 -22.64 -17.98 -12.39
C ALA A 52 -22.36 -18.73 -11.09
N VAL A 53 -21.53 -18.12 -10.26
CA VAL A 53 -21.13 -18.67 -8.96
C VAL A 53 -21.20 -17.52 -7.95
N LYS A 54 -22.26 -17.50 -7.14
CA LYS A 54 -22.38 -16.49 -6.10
C LYS A 54 -21.31 -16.70 -5.04
N ILE A 55 -20.64 -15.63 -4.63
CA ILE A 55 -19.52 -15.72 -3.71
C ILE A 55 -19.66 -14.65 -2.64
N LYS A 56 -19.44 -15.05 -1.38
CA LYS A 56 -19.47 -14.13 -0.24
C LYS A 56 -18.33 -14.49 0.70
N GLY A 57 -17.76 -13.48 1.34
CA GLY A 57 -16.61 -13.66 2.22
C GLY A 57 -16.92 -13.23 3.64
N PHE A 58 -16.28 -13.91 4.59
CA PHE A 58 -16.51 -13.66 6.00
C PHE A 58 -15.18 -13.67 6.75
N SER A 59 -15.13 -12.94 7.85
CA SER A 59 -13.94 -12.88 8.69
CA SER A 59 -13.94 -12.90 8.69
C SER A 59 -14.36 -13.07 10.14
N GLY A 60 -13.49 -12.67 11.07
CA GLY A 60 -13.76 -12.85 12.48
C GLY A 60 -13.44 -14.26 12.92
N GLU A 61 -13.67 -14.53 14.21
CA GLU A 61 -13.40 -15.83 14.77
C GLU A 61 -14.54 -16.83 14.58
N ASP A 62 -15.70 -16.36 14.13
CA ASP A 62 -16.87 -17.21 13.96
C ASP A 62 -17.04 -17.50 12.47
N ALA A 63 -16.87 -18.77 12.10
CA ALA A 63 -17.03 -19.18 10.71
C ALA A 63 -18.45 -19.64 10.38
N THR A 64 -19.31 -19.76 11.39
CA THR A 64 -20.65 -20.32 11.17
C THR A 64 -21.45 -19.62 10.08
N PRO A 65 -21.41 -18.28 9.91
CA PRO A 65 -22.14 -17.71 8.76
C PRO A 65 -21.67 -18.23 7.42
N ALA A 66 -20.37 -18.46 7.26
CA ALA A 66 -19.85 -19.01 6.01
C ALA A 66 -20.22 -20.48 5.83
N LEU A 67 -20.49 -21.19 6.93
CA LEU A 67 -20.77 -22.62 6.88
C LEU A 67 -22.23 -22.95 6.64
N GLU A 68 -23.14 -21.99 6.78
CA GLU A 68 -24.56 -22.29 6.66
C GLU A 68 -24.91 -22.71 5.24
N GLY A 69 -25.61 -23.84 5.12
CA GLY A 69 -26.00 -24.38 3.84
C GLY A 69 -24.89 -25.04 3.05
N ALA A 70 -23.67 -25.08 3.59
CA ALA A 70 -22.54 -25.63 2.86
C ALA A 70 -22.72 -27.13 2.63
N ASP A 71 -22.56 -27.55 1.38
CA ASP A 71 -22.56 -28.96 1.03
C ASP A 71 -21.16 -29.56 1.06
N VAL A 72 -20.14 -28.75 0.77
CA VAL A 72 -18.74 -29.16 0.82
C VAL A 72 -17.97 -28.13 1.62
N VAL A 73 -17.11 -28.58 2.51
CA VAL A 73 -16.24 -27.71 3.30
C VAL A 73 -14.80 -28.12 3.03
N LEU A 74 -14.01 -27.19 2.53
CA LEU A 74 -12.59 -27.40 2.28
C LEU A 74 -11.81 -26.56 3.27
N ILE A 75 -10.98 -27.22 4.07
CA ILE A 75 -10.23 -26.58 5.16
C ILE A 75 -8.77 -26.52 4.76
N SER A 76 -8.28 -25.32 4.45
CA SER A 76 -6.89 -25.09 4.09
C SER A 76 -6.23 -24.04 4.98
N ALA A 77 -6.79 -23.80 6.16
CA ALA A 77 -6.23 -22.79 7.06
C ALA A 77 -4.93 -23.28 7.67
N GLY A 78 -4.18 -22.34 8.23
CA GLY A 78 -2.91 -22.66 8.86
C GLY A 78 -2.05 -21.44 9.15
N LEU A 90 4.76 -25.29 15.45
CA LEU A 90 4.07 -25.00 14.19
C LEU A 90 2.99 -26.05 13.92
N PHE A 91 3.32 -27.31 14.19
CA PHE A 91 2.32 -28.38 14.03
C PHE A 91 1.17 -28.19 15.01
N ASN A 92 1.49 -27.88 16.27
CA ASN A 92 0.45 -27.70 17.28
C ASN A 92 -0.47 -26.53 16.92
N VAL A 93 0.09 -25.47 16.32
CA VAL A 93 -0.72 -24.35 15.87
C VAL A 93 -1.66 -24.80 14.76
N ASN A 94 -1.13 -25.50 13.75
CA ASN A 94 -1.96 -25.95 12.65
C ASN A 94 -2.92 -27.05 13.10
N ALA A 95 -2.48 -27.91 14.02
CA ALA A 95 -3.37 -28.95 14.54
C ALA A 95 -4.52 -28.35 15.31
N GLY A 96 -4.24 -27.35 16.16
CA GLY A 96 -5.31 -26.68 16.88
C GLY A 96 -6.26 -25.92 15.97
N ILE A 97 -5.74 -25.41 14.86
CA ILE A 97 -6.61 -24.71 13.90
C ILE A 97 -7.57 -25.69 13.24
N VAL A 98 -7.07 -26.86 12.83
CA VAL A 98 -7.92 -27.85 12.20
C VAL A 98 -8.99 -28.34 13.17
N LYS A 99 -8.59 -28.61 14.42
CA LYS A 99 -9.54 -29.10 15.40
C LYS A 99 -10.63 -28.06 15.67
N ASN A 100 -10.26 -26.79 15.77
CA ASN A 100 -11.25 -25.75 16.04
C ASN A 100 -12.24 -25.61 14.89
N LEU A 101 -11.73 -25.60 13.65
CA LEU A 101 -12.61 -25.39 12.51
C LEU A 101 -13.53 -26.60 12.28
N VAL A 102 -13.02 -27.81 12.51
CA VAL A 102 -13.86 -28.98 12.35
C VAL A 102 -14.95 -29.02 13.43
N GLN A 103 -14.59 -28.61 14.66
CA GLN A 103 -15.60 -28.47 15.70
C GLN A 103 -16.67 -27.46 15.30
N GLN A 104 -16.27 -26.39 14.60
CA GLN A 104 -17.24 -25.41 14.13
C GLN A 104 -18.15 -25.99 13.05
N VAL A 105 -17.60 -26.82 12.17
CA VAL A 105 -18.43 -27.45 11.14
C VAL A 105 -19.42 -28.41 11.77
N ALA A 106 -19.00 -29.14 12.80
CA ALA A 106 -19.89 -30.12 13.42
C ALA A 106 -21.09 -29.46 14.10
N LYS A 107 -20.92 -28.22 14.57
CA LYS A 107 -22.04 -27.48 15.14
C LYS A 107 -23.02 -27.00 14.07
N THR A 108 -22.56 -26.83 12.84
CA THR A 108 -23.31 -26.12 11.81
C THR A 108 -23.85 -27.06 10.74
N CYS A 109 -22.97 -27.63 9.91
CA CYS A 109 -23.37 -28.52 8.83
C CYS A 109 -22.85 -29.93 9.07
N PRO A 110 -23.55 -30.75 9.86
CA PRO A 110 -23.07 -32.11 10.10
C PRO A 110 -23.15 -33.02 8.88
N LYS A 111 -23.92 -32.64 7.87
CA LYS A 111 -23.95 -33.43 6.64
C LYS A 111 -22.66 -33.22 5.86
N ALA A 112 -22.34 -31.95 5.53
CA ALA A 112 -21.36 -31.56 4.53
C ALA A 112 -20.14 -32.48 4.41
N CYS A 113 -19.75 -32.80 3.18
CA CYS A 113 -18.47 -33.43 2.93
C CYS A 113 -17.35 -32.48 3.37
N ILE A 114 -16.33 -33.03 4.02
CA ILE A 114 -15.23 -32.25 4.57
C ILE A 114 -13.93 -32.71 3.94
N GLY A 115 -13.23 -31.80 3.26
CA GLY A 115 -11.93 -32.09 2.71
C GLY A 115 -10.84 -31.33 3.44
N ILE A 116 -9.93 -32.06 4.09
CA ILE A 116 -8.84 -31.44 4.85
C ILE A 116 -7.66 -31.24 3.91
N ILE A 117 -7.19 -30.00 3.82
CA ILE A 117 -6.04 -29.67 2.98
C ILE A 117 -4.85 -29.37 3.87
N THR A 118 -5.12 -28.82 5.06
CA THR A 118 -4.07 -28.45 5.99
C THR A 118 -3.19 -29.65 6.33
N ASN A 119 -1.88 -29.46 6.22
CA ASN A 119 -0.88 -30.48 6.50
C ASN A 119 -0.45 -30.42 7.96
N PRO A 120 0.06 -31.54 8.50
CA PRO A 120 0.25 -32.86 7.87
C PRO A 120 -1.07 -33.62 7.70
N VAL A 121 -1.40 -33.93 6.46
CA VAL A 121 -2.72 -34.52 6.16
C VAL A 121 -2.88 -35.88 6.85
N ASN A 122 -1.79 -36.66 6.89
CA ASN A 122 -1.85 -37.96 7.55
C ASN A 122 -2.35 -37.86 8.98
N THR A 123 -2.08 -36.73 9.64
CA THR A 123 -2.47 -36.47 11.02
C THR A 123 -3.74 -35.63 11.13
N THR A 124 -3.86 -34.59 10.31
CA THR A 124 -4.98 -33.65 10.47
C THR A 124 -6.32 -34.32 10.18
N VAL A 125 -6.33 -35.34 9.32
CA VAL A 125 -7.58 -36.03 9.04
C VAL A 125 -8.03 -36.86 10.23
N ALA A 126 -7.07 -37.51 10.91
CA ALA A 126 -7.39 -38.21 12.15
C ALA A 126 -7.87 -37.25 13.22
N ILE A 127 -7.32 -36.03 13.24
CA ILE A 127 -7.82 -35.00 14.15
C ILE A 127 -9.28 -34.71 13.87
N ALA A 128 -9.62 -34.47 12.60
CA ALA A 128 -10.99 -34.14 12.24
C ALA A 128 -11.94 -35.29 12.57
N ALA A 129 -11.51 -36.53 12.36
CA ALA A 129 -12.38 -37.68 12.59
C ALA A 129 -12.73 -37.81 14.07
N GLU A 130 -11.72 -37.71 14.95
CA GLU A 130 -11.99 -37.81 16.38
C GLU A 130 -12.85 -36.66 16.87
N VAL A 131 -12.75 -35.50 16.23
CA VAL A 131 -13.61 -34.37 16.59
C VAL A 131 -15.05 -34.64 16.20
N LEU A 132 -15.28 -35.05 14.95
CA LEU A 132 -16.63 -35.36 14.50
C LEU A 132 -17.23 -36.51 15.29
N LYS A 133 -16.40 -37.43 15.77
CA LYS A 133 -16.88 -38.50 16.64
C LYS A 133 -17.41 -37.95 17.95
N LYS A 134 -16.64 -37.04 18.58
CA LYS A 134 -17.06 -36.49 19.86
C LYS A 134 -18.35 -35.68 19.75
N ALA A 135 -18.56 -35.03 18.61
CA ALA A 135 -19.83 -34.37 18.33
C ALA A 135 -20.91 -35.35 17.88
N GLY A 136 -20.58 -36.62 17.72
CA GLY A 136 -21.56 -37.63 17.34
C GLY A 136 -22.14 -37.46 15.96
N VAL A 137 -21.38 -36.88 15.03
CA VAL A 137 -21.88 -36.59 13.69
C VAL A 137 -20.96 -37.20 12.64
N TYR A 138 -20.06 -38.09 13.06
CA TYR A 138 -19.02 -38.59 12.17
C TYR A 138 -19.58 -39.57 11.16
N ASP A 139 -19.28 -39.34 9.89
CA ASP A 139 -19.61 -40.24 8.79
C ASP A 139 -18.34 -40.47 7.99
N LYS A 140 -17.83 -41.71 8.03
CA LYS A 140 -16.55 -42.01 7.38
C LYS A 140 -16.60 -41.82 5.86
N ASN A 141 -17.79 -41.80 5.27
CA ASN A 141 -17.92 -41.56 3.84
C ASN A 141 -17.89 -40.09 3.46
N LYS A 142 -17.69 -39.19 4.43
CA LYS A 142 -17.80 -37.76 4.21
C LYS A 142 -16.55 -36.98 4.61
N LEU A 143 -15.51 -37.64 5.11
CA LEU A 143 -14.27 -36.98 5.49
C LEU A 143 -13.17 -37.40 4.54
N PHE A 144 -12.51 -36.43 3.91
CA PHE A 144 -11.50 -36.69 2.90
C PHE A 144 -10.21 -35.97 3.24
N GLY A 145 -9.09 -36.69 3.16
CA GLY A 145 -7.79 -36.06 3.14
C GLY A 145 -7.39 -35.79 1.70
N VAL A 146 -7.18 -34.52 1.37
CA VAL A 146 -6.94 -34.11 -0.02
C VAL A 146 -5.50 -34.47 -0.36
N THR A 147 -5.31 -35.57 -1.06
CA THR A 147 -3.99 -36.02 -1.50
C THR A 147 -3.78 -35.81 -3.00
N THR A 148 -4.65 -35.04 -3.65
CA THR A 148 -4.62 -34.91 -5.10
C THR A 148 -3.31 -34.32 -5.61
N LEU A 149 -2.61 -33.53 -4.78
CA LEU A 149 -1.34 -32.95 -5.23
C LEU A 149 -0.32 -34.04 -5.58
N ASP A 150 -0.34 -35.15 -4.83
CA ASP A 150 0.55 -36.26 -5.17
C ASP A 150 0.24 -36.83 -6.54
N ILE A 151 -1.04 -36.83 -6.91
CA ILE A 151 -1.46 -37.41 -8.19
C ILE A 151 -0.98 -36.53 -9.36
N ILE A 152 -1.31 -35.24 -9.31
CA ILE A 152 -0.98 -34.37 -10.44
C ILE A 152 0.53 -34.17 -10.55
N ARG A 153 1.25 -34.28 -9.43
CA ARG A 153 2.72 -34.29 -9.50
C ARG A 153 3.21 -35.54 -10.22
N SER A 154 2.67 -36.71 -9.86
CA SER A 154 3.06 -37.95 -10.52
C SER A 154 2.72 -37.90 -12.00
N ASN A 155 1.55 -37.35 -12.34
CA ASN A 155 1.18 -37.20 -13.74
C ASN A 155 2.20 -36.35 -14.49
N THR A 156 2.62 -35.24 -13.87
CA THR A 156 3.59 -34.35 -14.52
C THR A 156 4.93 -35.04 -14.71
N PHE A 157 5.43 -35.69 -13.66
CA PHE A 157 6.76 -36.28 -13.73
C PHE A 157 6.79 -37.48 -14.68
N VAL A 158 5.73 -38.29 -14.68
CA VAL A 158 5.66 -39.44 -15.58
C VAL A 158 5.56 -38.96 -17.03
N ALA A 159 4.74 -37.94 -17.28
CA ALA A 159 4.55 -37.46 -18.65
C ALA A 159 5.84 -36.87 -19.21
N GLU A 160 6.59 -36.14 -18.38
CA GLU A 160 7.85 -35.57 -18.84
C GLU A 160 8.88 -36.65 -19.13
N LEU A 161 8.98 -37.65 -18.24
CA LEU A 161 9.96 -38.71 -18.44
C LEU A 161 9.64 -39.55 -19.66
N LYS A 162 8.35 -39.85 -19.87
CA LYS A 162 7.93 -40.79 -20.91
C LYS A 162 7.40 -40.11 -22.15
N GLY A 163 7.48 -38.78 -22.24
CA GLY A 163 7.08 -38.08 -23.44
C GLY A 163 5.61 -38.17 -23.77
N LYS A 164 4.76 -38.23 -22.76
CA LYS A 164 3.31 -38.23 -22.94
C LYS A 164 2.75 -36.84 -22.76
N GLN A 165 1.53 -36.64 -23.23
CA GLN A 165 0.82 -35.40 -22.95
C GLN A 165 0.43 -35.37 -21.48
N PRO A 166 0.80 -34.34 -20.72
CA PRO A 166 0.54 -34.38 -19.28
C PRO A 166 -0.93 -34.54 -18.91
N GLY A 167 -1.85 -34.08 -19.76
CA GLY A 167 -3.26 -34.24 -19.48
C GLY A 167 -3.80 -35.64 -19.72
N GLU A 168 -3.06 -36.50 -20.40
CA GLU A 168 -3.52 -37.85 -20.70
C GLU A 168 -2.92 -38.92 -19.80
N VAL A 169 -2.13 -38.53 -18.81
CA VAL A 169 -1.50 -39.47 -17.88
C VAL A 169 -2.23 -39.39 -16.55
N GLU A 170 -2.57 -40.55 -15.98
CA GLU A 170 -3.20 -40.64 -14.66
C GLU A 170 -2.47 -41.73 -13.88
N VAL A 171 -1.79 -41.32 -12.81
CA VAL A 171 -1.02 -42.23 -11.96
C VAL A 171 -1.82 -42.47 -10.68
N PRO A 172 -2.14 -43.72 -10.34
CA PRO A 172 -2.73 -43.99 -9.03
C PRO A 172 -1.68 -43.79 -7.93
N VAL A 173 -2.08 -43.09 -6.88
CA VAL A 173 -1.22 -42.83 -5.73
C VAL A 173 -1.99 -43.20 -4.47
N ILE A 174 -1.42 -44.10 -3.67
CA ILE A 174 -2.07 -44.63 -2.49
C ILE A 174 -1.20 -44.35 -1.26
N GLY A 175 -1.74 -44.63 -0.08
CA GLY A 175 -1.01 -44.50 1.15
C GLY A 175 -1.27 -43.20 1.91
N GLY A 176 -0.20 -42.45 2.18
CA GLY A 176 -0.29 -41.19 2.88
C GLY A 176 0.05 -40.02 1.98
N HIS A 177 0.26 -38.88 2.62
CA HIS A 177 0.52 -37.62 1.93
C HIS A 177 1.87 -37.00 2.29
N SER A 178 2.77 -37.75 2.92
CA SER A 178 4.04 -37.17 3.34
C SER A 178 5.15 -38.21 3.25
N GLY A 179 6.26 -37.82 2.63
CA GLY A 179 7.47 -38.61 2.68
C GLY A 179 7.29 -40.00 2.12
N VAL A 180 7.75 -41.00 2.89
CA VAL A 180 7.72 -42.38 2.45
C VAL A 180 6.33 -42.98 2.43
N THR A 181 5.32 -42.27 2.93
CA THR A 181 3.95 -42.77 2.89
C THR A 181 3.27 -42.51 1.55
N ILE A 182 3.85 -41.66 0.71
CA ILE A 182 3.35 -41.45 -0.65
C ILE A 182 3.88 -42.57 -1.53
N LEU A 183 2.98 -43.40 -2.04
CA LEU A 183 3.37 -44.51 -2.91
C LEU A 183 2.65 -44.38 -4.25
N PRO A 184 3.29 -43.84 -5.28
CA PRO A 184 2.69 -43.84 -6.62
C PRO A 184 2.79 -45.22 -7.24
N LEU A 185 1.67 -45.72 -7.74
CA LEU A 185 1.61 -47.06 -8.32
C LEU A 185 1.95 -46.97 -9.80
N LEU A 186 3.26 -46.87 -10.07
CA LEU A 186 3.74 -46.71 -11.44
C LEU A 186 3.47 -47.94 -12.29
N SER A 187 3.35 -49.12 -11.67
CA SER A 187 3.09 -50.34 -12.41
C SER A 187 1.68 -50.39 -13.00
N GLN A 188 0.83 -49.43 -12.67
CA GLN A 188 -0.56 -49.43 -13.13
C GLN A 188 -0.85 -48.40 -14.21
N VAL A 189 0.13 -47.58 -14.57
CA VAL A 189 -0.05 -46.59 -15.64
C VAL A 189 -0.19 -47.31 -16.98
N PRO A 190 -1.34 -47.19 -17.64
CA PRO A 190 -1.56 -47.98 -18.87
C PRO A 190 -0.66 -47.52 -20.01
N GLY A 191 -0.16 -48.49 -20.77
CA GLY A 191 0.64 -48.23 -21.93
C GLY A 191 2.05 -47.76 -21.66
N VAL A 192 2.44 -47.59 -20.41
CA VAL A 192 3.76 -47.10 -20.05
C VAL A 192 4.45 -48.12 -19.14
N SER A 193 5.72 -48.40 -19.43
CA SER A 193 6.54 -49.27 -18.61
C SER A 193 7.74 -48.49 -18.09
N PHE A 194 8.22 -48.88 -16.92
CA PHE A 194 9.34 -48.22 -16.27
C PHE A 194 10.42 -49.23 -15.94
N THR A 195 11.68 -48.81 -16.05
CA THR A 195 12.76 -49.62 -15.52
C THR A 195 12.74 -49.56 -13.99
N GLU A 196 13.52 -50.45 -13.37
CA GLU A 196 13.62 -50.43 -11.92
C GLU A 196 14.30 -49.16 -11.43
N GLN A 197 15.24 -48.62 -12.21
CA GLN A 197 15.88 -47.35 -11.86
C GLN A 197 14.90 -46.19 -11.98
N GLU A 198 14.08 -46.18 -13.04
CA GLU A 198 13.11 -45.11 -13.22
C GLU A 198 12.03 -45.14 -12.15
N VAL A 199 11.64 -46.32 -11.69
CA VAL A 199 10.63 -46.40 -10.64
C VAL A 199 11.16 -45.81 -9.35
N ALA A 200 12.37 -46.20 -8.95
CA ALA A 200 12.97 -45.66 -7.73
C ALA A 200 13.15 -44.15 -7.82
N ASP A 201 13.68 -43.66 -8.96
CA ASP A 201 13.91 -42.24 -9.11
C ASP A 201 12.61 -41.45 -9.08
N LEU A 202 11.62 -41.88 -9.86
CA LEU A 202 10.32 -41.21 -9.85
C LEU A 202 9.70 -41.23 -8.46
N THR A 203 9.76 -42.37 -7.78
CA THR A 203 9.21 -42.45 -6.43
C THR A 203 9.93 -41.50 -5.49
N LYS A 204 11.25 -41.39 -5.61
CA LYS A 204 12.00 -40.48 -4.76
C LYS A 204 11.63 -39.03 -5.02
N ARG A 205 11.44 -38.65 -6.28
CA ARG A 205 11.07 -37.26 -6.57
C ARG A 205 9.63 -36.97 -6.14
N ILE A 206 8.73 -37.94 -6.31
CA ILE A 206 7.34 -37.72 -5.92
C ILE A 206 7.22 -37.58 -4.41
N GLN A 207 7.97 -38.38 -3.66
CA GLN A 207 7.92 -38.30 -2.21
C GLN A 207 8.59 -37.06 -1.66
N ASN A 208 9.52 -36.46 -2.40
CA ASN A 208 10.26 -35.28 -1.95
C ASN A 208 9.84 -34.02 -2.68
N ALA A 209 8.73 -34.04 -3.42
CA ALA A 209 8.37 -32.91 -4.27
C ALA A 209 8.03 -31.67 -3.46
N GLY A 210 7.51 -31.84 -2.25
CA GLY A 210 7.23 -30.68 -1.42
C GLY A 210 8.50 -29.94 -1.02
N THR A 211 9.58 -30.67 -0.78
CA THR A 211 10.86 -30.04 -0.47
C THR A 211 11.45 -29.38 -1.72
N GLU A 212 11.18 -29.93 -2.90
CA GLU A 212 11.57 -29.28 -4.14
C GLU A 212 11.08 -27.84 -4.19
N VAL A 213 9.83 -27.62 -3.79
CA VAL A 213 9.23 -26.29 -3.86
C VAL A 213 9.78 -25.40 -2.75
N VAL A 214 9.92 -25.95 -1.54
CA VAL A 214 10.39 -25.15 -0.41
C VAL A 214 11.79 -24.62 -0.68
N GLU A 215 12.67 -25.48 -1.20
CA GLU A 215 14.04 -25.05 -1.50
C GLU A 215 14.06 -24.02 -2.63
N ALA A 216 13.24 -24.23 -3.66
CA ALA A 216 13.22 -23.30 -4.78
C ALA A 216 12.62 -21.95 -4.40
N LYS A 217 11.73 -21.93 -3.41
CA LYS A 217 11.14 -20.68 -2.94
C LYS A 217 12.06 -19.91 -2.00
N ALA A 218 13.25 -20.45 -1.69
CA ALA A 218 14.28 -19.75 -0.93
C ALA A 218 13.74 -19.23 0.41
N GLY A 219 12.95 -20.06 1.08
CA GLY A 219 12.29 -19.66 2.31
C GLY A 219 10.95 -18.98 2.13
N GLY A 220 10.50 -18.80 0.89
CA GLY A 220 9.26 -18.09 0.61
C GLY A 220 8.03 -18.93 0.84
N GLY A 221 8.23 -20.14 1.36
CA GLY A 221 7.15 -21.03 1.74
C GLY A 221 7.14 -22.30 0.92
N SER A 222 6.02 -23.00 1.01
CA SER A 222 5.82 -24.27 0.33
C SER A 222 4.88 -24.08 -0.85
N ALA A 223 4.37 -25.20 -1.39
CA ALA A 223 3.48 -25.15 -2.54
C ALA A 223 2.17 -24.46 -2.16
N THR A 224 1.74 -23.53 -3.01
CA THR A 224 0.47 -22.85 -2.79
C THR A 224 -0.39 -22.92 -4.04
N LEU A 225 0.19 -22.59 -5.19
CA LEU A 225 -0.58 -22.50 -6.43
C LEU A 225 -0.97 -23.88 -6.94
N SER A 226 0.00 -24.80 -7.01
CA SER A 226 -0.32 -26.17 -7.43
C SER A 226 -1.19 -26.88 -6.39
N MET A 227 -1.02 -26.54 -5.12
CA MET A 227 -1.89 -27.11 -4.09
C MET A 227 -3.32 -26.63 -4.27
N GLY A 228 -3.50 -25.35 -4.60
CA GLY A 228 -4.83 -24.86 -4.91
C GLY A 228 -5.43 -25.54 -6.13
N GLN A 229 -4.59 -25.83 -7.12
CA GLN A 229 -5.06 -26.53 -8.32
C GLN A 229 -5.50 -27.95 -7.98
N ALA A 230 -4.71 -28.66 -7.17
CA ALA A 230 -5.07 -30.02 -6.79
C ALA A 230 -6.32 -30.03 -5.93
N ALA A 231 -6.43 -29.12 -4.96
CA ALA A 231 -7.63 -29.05 -4.14
C ALA A 231 -8.84 -28.66 -4.98
N ALA A 232 -8.65 -27.80 -5.98
CA ALA A 232 -9.74 -27.45 -6.87
C ALA A 232 -10.21 -28.66 -7.68
N ARG A 233 -9.26 -29.48 -8.14
CA ARG A 233 -9.63 -30.68 -8.88
C ARG A 233 -10.48 -31.62 -8.02
N PHE A 234 -10.06 -31.84 -6.77
CA PHE A 234 -10.81 -32.72 -5.89
C PHE A 234 -12.17 -32.13 -5.54
N GLY A 235 -12.21 -30.84 -5.22
CA GLY A 235 -13.48 -30.21 -4.90
C GLY A 235 -14.47 -30.25 -6.04
N LEU A 236 -13.98 -30.04 -7.27
CA LEU A 236 -14.87 -30.09 -8.43
C LEU A 236 -15.40 -31.50 -8.66
N SER A 237 -14.56 -32.51 -8.47
CA SER A 237 -15.04 -33.89 -8.58
C SER A 237 -16.09 -34.20 -7.53
N LEU A 238 -15.87 -33.75 -6.29
CA LEU A 238 -16.87 -33.93 -5.24
C LEU A 238 -18.18 -33.24 -5.62
N VAL A 239 -18.10 -31.99 -6.05
CA VAL A 239 -19.31 -31.24 -6.41
C VAL A 239 -20.05 -31.92 -7.55
N ARG A 240 -19.31 -32.40 -8.56
CA ARG A 240 -19.94 -33.09 -9.67
C ARG A 240 -20.64 -34.36 -9.21
N ALA A 241 -20.00 -35.13 -8.32
CA ALA A 241 -20.62 -36.34 -7.81
C ALA A 241 -21.83 -36.03 -6.95
N LEU A 242 -21.77 -34.96 -6.17
CA LEU A 242 -22.92 -34.58 -5.34
C LEU A 242 -24.11 -34.14 -6.19
N GLN A 243 -23.84 -33.60 -7.38
CA GLN A 243 -24.93 -33.28 -8.31
C GLN A 243 -25.53 -34.51 -8.96
N GLY A 244 -24.88 -35.67 -8.83
CA GLY A 244 -25.41 -36.90 -9.37
C GLY A 244 -24.63 -37.49 -10.54
N GLU A 245 -23.50 -36.92 -10.91
CA GLU A 245 -22.74 -37.41 -12.05
C GLU A 245 -22.11 -38.76 -11.73
N GLN A 246 -22.07 -39.63 -12.73
CA GLN A 246 -21.70 -41.03 -12.54
C GLN A 246 -20.24 -41.27 -12.92
N GLY A 247 -19.64 -42.26 -12.26
CA GLY A 247 -18.29 -42.68 -12.60
C GLY A 247 -17.20 -41.71 -12.20
N VAL A 248 -17.43 -40.91 -11.16
CA VAL A 248 -16.43 -39.96 -10.68
C VAL A 248 -15.54 -40.69 -9.67
N VAL A 249 -14.28 -40.90 -10.04
CA VAL A 249 -13.34 -41.66 -9.22
C VAL A 249 -12.15 -40.76 -8.91
N GLU A 250 -11.90 -40.54 -7.62
CA GLU A 250 -10.74 -39.80 -7.16
C GLU A 250 -10.10 -40.54 -5.99
N CYS A 251 -8.80 -40.34 -5.82
CA CYS A 251 -8.07 -40.90 -4.69
C CYS A 251 -8.06 -39.89 -3.54
N ALA A 252 -8.24 -40.38 -2.33
CA ALA A 252 -8.26 -39.51 -1.17
C ALA A 252 -7.99 -40.32 0.09
N TYR A 253 -7.41 -39.63 1.09
CA TYR A 253 -7.06 -40.21 2.38
C TYR A 253 -8.34 -40.30 3.22
N VAL A 254 -8.85 -41.52 3.40
CA VAL A 254 -10.13 -41.73 4.09
C VAL A 254 -10.00 -42.90 5.05
N GLU A 255 -10.93 -42.96 6.01
CA GLU A 255 -11.05 -44.11 6.91
C GLU A 255 -11.79 -45.22 6.18
N GLY A 256 -11.07 -46.27 5.82
CA GLY A 256 -11.66 -47.38 5.08
C GLY A 256 -11.82 -48.65 5.89
N ASP A 257 -11.42 -49.78 5.31
CA ASP A 257 -11.50 -51.05 6.01
C ASP A 257 -10.36 -51.27 7.00
N GLY A 258 -9.35 -50.40 6.99
CA GLY A 258 -8.23 -50.56 7.90
C GLY A 258 -7.33 -51.72 7.60
N GLN A 259 -7.33 -52.22 6.35
CA GLN A 259 -6.49 -53.36 6.01
C GLN A 259 -5.01 -53.04 6.19
N TYR A 260 -4.61 -51.82 5.85
CA TYR A 260 -3.23 -51.36 6.02
C TYR A 260 -3.08 -50.35 7.14
N ALA A 261 -3.99 -49.39 7.24
CA ALA A 261 -4.02 -48.45 8.35
C ALA A 261 -5.45 -47.92 8.48
N ARG A 262 -5.75 -47.34 9.64
CA ARG A 262 -7.10 -46.82 9.89
C ARG A 262 -7.50 -45.84 8.78
N PHE A 263 -6.65 -44.87 8.49
CA PHE A 263 -6.81 -44.00 7.34
C PHE A 263 -5.81 -44.41 6.26
N PHE A 264 -6.23 -44.28 5.00
CA PHE A 264 -5.43 -44.74 3.88
C PHE A 264 -5.99 -44.14 2.60
N SER A 265 -5.11 -43.67 1.74
CA SER A 265 -5.51 -43.10 0.45
C SER A 265 -5.65 -44.22 -0.57
N GLN A 266 -6.77 -44.23 -1.28
CA GLN A 266 -7.08 -45.29 -2.23
C GLN A 266 -8.11 -44.75 -3.22
N PRO A 267 -8.30 -45.42 -4.36
CA PRO A 267 -9.33 -44.97 -5.30
C PRO A 267 -10.72 -45.03 -4.67
N LEU A 268 -11.53 -44.02 -4.98
CA LEU A 268 -12.86 -43.90 -4.39
C LEU A 268 -13.87 -43.54 -5.47
N LEU A 269 -14.94 -44.33 -5.55
CA LEU A 269 -16.10 -43.95 -6.34
C LEU A 269 -16.94 -42.97 -5.53
N LEU A 270 -17.10 -41.75 -6.04
CA LEU A 270 -17.83 -40.72 -5.32
C LEU A 270 -19.30 -40.74 -5.73
N GLY A 271 -20.16 -40.34 -4.79
CA GLY A 271 -21.59 -40.35 -5.03
C GLY A 271 -22.30 -39.14 -4.46
N LYS A 272 -23.62 -39.23 -4.34
CA LYS A 272 -24.43 -38.13 -3.83
C LYS A 272 -24.34 -37.96 -2.32
N ASN A 273 -23.62 -38.84 -1.62
CA ASN A 273 -23.41 -38.71 -0.19
C ASN A 273 -21.93 -38.75 0.18
N GLY A 274 -21.05 -38.39 -0.75
CA GLY A 274 -19.62 -38.53 -0.54
C GLY A 274 -19.08 -39.79 -1.17
N VAL A 275 -18.49 -40.67 -0.36
CA VAL A 275 -17.96 -41.92 -0.87
C VAL A 275 -19.11 -42.86 -1.20
N GLU A 276 -19.15 -43.34 -2.45
CA GLU A 276 -20.10 -44.38 -2.84
C GLU A 276 -19.51 -45.77 -2.79
N GLU A 277 -18.22 -45.92 -3.08
CA GLU A 277 -17.55 -47.21 -2.98
C GLU A 277 -16.05 -46.99 -2.89
N ARG A 278 -15.41 -47.69 -1.96
CA ARG A 278 -13.95 -47.69 -1.84
C ARG A 278 -13.41 -48.77 -2.75
N LYS A 279 -12.85 -48.36 -3.90
CA LYS A 279 -12.33 -49.32 -4.86
C LYS A 279 -10.99 -49.89 -4.40
N SER A 280 -10.70 -51.10 -4.85
CA SER A 280 -9.46 -51.76 -4.47
C SER A 280 -8.25 -51.05 -5.09
N ILE A 281 -7.12 -51.17 -4.40
CA ILE A 281 -5.89 -50.55 -4.91
C ILE A 281 -5.32 -51.31 -6.09
N GLY A 282 -5.77 -52.55 -6.31
CA GLY A 282 -5.31 -53.32 -7.45
C GLY A 282 -4.06 -54.11 -7.16
N THR A 283 -3.47 -54.60 -8.25
CA THR A 283 -2.24 -55.38 -8.15
C THR A 283 -1.04 -54.46 -7.99
N LEU A 284 -0.13 -54.84 -7.09
CA LEU A 284 1.06 -54.07 -6.81
C LEU A 284 2.30 -54.84 -7.26
N SER A 285 3.30 -54.11 -7.76
CA SER A 285 4.57 -54.74 -8.07
C SER A 285 5.32 -55.05 -6.78
N ALA A 286 6.43 -55.77 -6.93
CA ALA A 286 7.25 -56.11 -5.77
C ALA A 286 7.78 -54.85 -5.10
N PHE A 287 8.22 -53.87 -5.89
CA PHE A 287 8.69 -52.61 -5.33
C PHE A 287 7.58 -51.91 -4.56
N GLU A 288 6.36 -51.90 -5.11
CA GLU A 288 5.26 -51.19 -4.48
C GLU A 288 4.79 -51.89 -3.21
N GLN A 289 4.65 -53.23 -3.26
CA GLN A 289 4.24 -53.96 -2.07
C GLN A 289 5.28 -53.83 -0.96
N ASN A 290 6.56 -53.75 -1.32
CA ASN A 290 7.60 -53.57 -0.32
C ASN A 290 7.62 -52.15 0.22
N ALA A 291 7.37 -51.16 -0.64
CA ALA A 291 7.28 -49.78 -0.18
C ALA A 291 6.04 -49.56 0.68
N LEU A 292 4.98 -50.33 0.43
CA LEU A 292 3.76 -50.19 1.21
C LEU A 292 3.97 -50.67 2.65
N GLU A 293 4.48 -51.90 2.80
CA GLU A 293 4.67 -52.46 4.14
C GLU A 293 5.81 -51.79 4.89
N GLY A 294 6.77 -51.17 4.18
CA GLY A 294 7.86 -50.49 4.84
C GLY A 294 7.50 -49.15 5.45
N MET A 295 6.38 -48.57 5.02
CA MET A 295 5.95 -47.26 5.51
C MET A 295 4.74 -47.32 6.41
N LEU A 296 4.11 -48.50 6.57
CA LEU A 296 2.90 -48.59 7.37
C LEU A 296 3.14 -48.19 8.82
N ASP A 297 4.36 -48.43 9.34
CA ASP A 297 4.68 -48.04 10.70
C ASP A 297 4.64 -46.52 10.85
N THR A 298 5.25 -45.81 9.91
CA THR A 298 5.24 -44.35 9.96
C THR A 298 3.81 -43.82 9.78
N LEU A 299 3.04 -44.42 8.89
CA LEU A 299 1.66 -43.98 8.68
C LEU A 299 0.82 -44.19 9.93
N LYS A 300 0.96 -45.35 10.58
CA LYS A 300 0.20 -45.60 11.80
C LYS A 300 0.59 -44.64 12.92
N LYS A 301 1.86 -44.23 12.96
CA LYS A 301 2.29 -43.26 13.95
C LYS A 301 1.75 -41.87 13.63
N ASP A 302 1.70 -41.51 12.34
CA ASP A 302 1.06 -40.27 11.93
C ASP A 302 -0.38 -40.21 12.40
N ILE A 303 -1.11 -41.32 12.24
CA ILE A 303 -2.52 -41.37 12.64
C ILE A 303 -2.63 -41.24 14.16
N ALA A 304 -1.82 -42.00 14.89
CA ALA A 304 -1.88 -41.96 16.34
C ALA A 304 -1.60 -40.55 16.87
N LEU A 305 -0.69 -39.82 16.23
CA LEU A 305 -0.40 -38.46 16.66
C LEU A 305 -1.66 -37.59 16.63
N GLY A 306 -2.47 -37.74 15.58
CA GLY A 306 -3.72 -36.98 15.53
C GLY A 306 -4.75 -37.50 16.49
N GLN A 307 -4.79 -38.82 16.70
CA GLN A 307 -5.73 -39.40 17.65
C GLN A 307 -5.44 -38.94 19.07
N GLU A 308 -4.16 -38.86 19.44
CA GLU A 308 -3.81 -38.41 20.79
C GLU A 308 -3.93 -36.90 20.94
N PHE A 309 -3.80 -36.14 19.85
CA PHE A 309 -3.97 -34.69 19.94
C PHE A 309 -5.38 -34.32 20.38
N VAL A 310 -6.38 -35.10 19.95
CA VAL A 310 -7.75 -34.87 20.37
C VAL A 310 -8.05 -35.58 21.69
N ASN A 311 -7.60 -36.82 21.83
CA ASN A 311 -7.89 -37.61 23.02
C ASN A 311 -6.72 -37.59 24.00
N MET B 1 5.76 -20.74 -28.70
CA MET B 1 4.96 -19.60 -28.24
C MET B 1 5.28 -19.36 -26.76
N LYS B 2 5.89 -18.22 -26.44
CA LYS B 2 6.38 -17.95 -25.10
C LYS B 2 5.79 -16.67 -24.54
N VAL B 3 5.24 -16.75 -23.33
CA VAL B 3 4.73 -15.59 -22.59
C VAL B 3 5.62 -15.36 -21.39
N ALA B 4 6.08 -14.13 -21.22
CA ALA B 4 6.89 -13.74 -20.08
C ALA B 4 6.06 -12.84 -19.17
N VAL B 5 6.06 -13.15 -17.87
CA VAL B 5 5.34 -12.37 -16.87
C VAL B 5 6.37 -11.65 -16.02
N LEU B 6 6.41 -10.33 -16.12
CA LEU B 6 7.30 -9.50 -15.31
C LEU B 6 6.50 -8.95 -14.14
N GLY B 7 6.87 -9.36 -12.93
CA GLY B 7 6.10 -9.04 -11.74
C GLY B 7 5.31 -10.25 -11.28
N ALA B 8 5.90 -11.43 -11.42
CA ALA B 8 5.19 -12.68 -11.19
C ALA B 8 5.12 -13.08 -9.72
N ALA B 9 5.81 -12.37 -8.83
CA ALA B 9 5.76 -12.69 -7.41
C ALA B 9 4.63 -11.98 -6.69
N GLY B 10 4.09 -10.91 -7.26
CA GLY B 10 2.97 -10.22 -6.64
C GLY B 10 1.69 -11.02 -6.73
N GLY B 11 0.66 -10.50 -6.04
CA GLY B 11 -0.62 -11.19 -6.03
C GLY B 11 -1.24 -11.29 -7.42
N ILE B 12 -1.12 -10.22 -8.21
CA ILE B 12 -1.64 -10.26 -9.57
C ILE B 12 -0.85 -11.21 -10.44
N GLY B 13 0.49 -11.15 -10.33
CA GLY B 13 1.33 -11.98 -11.18
C GLY B 13 1.16 -13.46 -10.90
N GLN B 14 0.99 -13.83 -9.63
CA GLN B 14 0.82 -15.24 -9.29
C GLN B 14 -0.53 -15.77 -9.78
N ALA B 15 -1.58 -14.97 -9.66
CA ALA B 15 -2.88 -15.38 -10.22
C ALA B 15 -2.82 -15.46 -11.74
N LEU B 16 -2.14 -14.51 -12.37
CA LEU B 16 -1.97 -14.55 -13.81
C LEU B 16 -1.16 -15.77 -14.25
N ALA B 17 -0.07 -16.07 -13.52
CA ALA B 17 0.76 -17.20 -13.88
C ALA B 17 0.03 -18.52 -13.69
N LEU B 18 -0.77 -18.62 -12.62
CA LEU B 18 -1.55 -19.84 -12.40
C LEU B 18 -2.54 -20.07 -13.53
N LEU B 19 -3.23 -19.00 -13.95
CA LEU B 19 -4.23 -19.15 -15.00
C LEU B 19 -3.59 -19.44 -16.35
N LEU B 20 -2.44 -18.81 -16.64
CA LEU B 20 -1.76 -19.09 -17.90
C LEU B 20 -1.19 -20.50 -17.93
N LYS B 21 -0.66 -20.97 -16.80
CA LYS B 21 -0.13 -22.33 -16.75
C LYS B 21 -1.20 -23.37 -17.05
N THR B 22 -2.44 -23.09 -16.67
CA THR B 22 -3.53 -24.05 -16.84
C THR B 22 -4.32 -23.84 -18.12
N GLN B 23 -4.22 -22.67 -18.76
CA GLN B 23 -5.06 -22.36 -19.91
CA GLN B 23 -5.06 -22.35 -19.91
C GLN B 23 -4.30 -22.05 -21.19
N LEU B 24 -2.98 -21.90 -21.13
CA LEU B 24 -2.23 -21.67 -22.36
C LEU B 24 -2.27 -22.92 -23.24
N PRO B 25 -2.27 -22.76 -24.57
CA PRO B 25 -2.34 -23.92 -25.45
C PRO B 25 -1.15 -24.86 -25.23
N SER B 26 -1.36 -26.14 -25.55
CA SER B 26 -0.30 -27.11 -25.40
C SER B 26 0.89 -26.74 -26.28
N GLY B 27 2.09 -26.95 -25.76
CA GLY B 27 3.31 -26.53 -26.43
C GLY B 27 3.74 -25.12 -26.09
N SER B 28 3.04 -24.43 -25.21
CA SER B 28 3.39 -23.08 -24.82
C SER B 28 4.59 -23.09 -23.89
N GLU B 29 5.18 -21.92 -23.70
CA GLU B 29 6.19 -21.70 -22.67
C GLU B 29 5.81 -20.46 -21.87
N LEU B 30 6.17 -20.48 -20.59
CA LEU B 30 5.81 -19.42 -19.66
C LEU B 30 7.03 -19.14 -18.78
N SER B 31 7.50 -17.90 -18.79
CA SER B 31 8.64 -17.50 -17.96
C SER B 31 8.19 -16.43 -16.98
N LEU B 32 8.60 -16.58 -15.73
CA LEU B 32 8.23 -15.68 -14.65
C LEU B 32 9.45 -14.90 -14.18
N TYR B 33 9.25 -13.61 -13.92
CA TYR B 33 10.32 -12.77 -13.37
C TYR B 33 9.76 -11.83 -12.32
N ASP B 34 10.53 -11.64 -11.26
CA ASP B 34 10.29 -10.57 -10.29
C ASP B 34 11.59 -10.37 -9.51
N ILE B 35 11.58 -9.37 -8.62
CA ILE B 35 12.78 -9.10 -7.85
C ILE B 35 12.94 -10.12 -6.73
N ALA B 36 11.85 -10.50 -6.08
CA ALA B 36 11.92 -11.38 -4.92
C ALA B 36 12.47 -12.75 -5.32
N PRO B 37 13.31 -13.37 -4.49
CA PRO B 37 13.88 -14.68 -4.85
C PRO B 37 12.91 -15.83 -4.72
N VAL B 38 11.66 -15.59 -4.35
CA VAL B 38 10.65 -16.64 -4.35
C VAL B 38 10.21 -16.96 -5.77
N THR B 39 10.50 -16.09 -6.73
CA THR B 39 9.98 -16.27 -8.09
C THR B 39 10.42 -17.58 -8.74
N PRO B 40 11.67 -18.03 -8.66
CA PRO B 40 11.98 -19.37 -9.20
C PRO B 40 11.18 -20.47 -8.54
N GLY B 41 10.80 -20.30 -7.27
CA GLY B 41 9.98 -21.30 -6.60
C GLY B 41 8.51 -21.25 -6.98
N VAL B 42 8.03 -20.06 -7.36
CA VAL B 42 6.67 -19.96 -7.88
C VAL B 42 6.54 -20.74 -9.17
N ALA B 43 7.59 -20.71 -10.00
CA ALA B 43 7.58 -21.48 -11.24
C ALA B 43 7.65 -22.97 -10.97
N VAL B 44 8.53 -23.38 -10.05
CA VAL B 44 8.62 -24.80 -9.69
C VAL B 44 7.28 -25.26 -9.11
N ASP B 45 6.67 -24.43 -8.27
CA ASP B 45 5.33 -24.71 -7.76
C ASP B 45 4.37 -24.97 -8.91
N LEU B 46 4.30 -24.05 -9.86
CA LEU B 46 3.37 -24.21 -10.98
C LEU B 46 3.79 -25.33 -11.92
N SER B 47 5.09 -25.63 -12.00
CA SER B 47 5.56 -26.66 -12.92
C SER B 47 5.06 -28.05 -12.55
N HIS B 48 4.51 -28.24 -11.36
CA HIS B 48 3.98 -29.52 -10.94
C HIS B 48 2.54 -29.74 -11.40
N ILE B 49 1.97 -28.79 -12.13
CA ILE B 49 0.61 -28.92 -12.67
C ILE B 49 0.73 -29.60 -14.04
N PRO B 50 -0.01 -30.69 -14.28
CA PRO B 50 0.18 -31.48 -15.52
C PRO B 50 -0.50 -30.87 -16.74
N THR B 51 0.06 -29.76 -17.21
CA THR B 51 -0.31 -29.17 -18.49
C THR B 51 0.94 -29.06 -19.35
N ALA B 52 0.74 -29.11 -20.67
CA ALA B 52 1.85 -29.04 -21.61
C ALA B 52 2.29 -27.59 -21.83
N VAL B 53 2.73 -26.97 -20.73
CA VAL B 53 3.24 -25.60 -20.74
C VAL B 53 4.50 -25.59 -19.89
N LYS B 54 5.65 -25.36 -20.54
CA LYS B 54 6.91 -25.31 -19.81
C LYS B 54 7.05 -23.98 -19.09
N ILE B 55 7.45 -24.03 -17.82
CA ILE B 55 7.54 -22.83 -16.99
C ILE B 55 8.88 -22.81 -16.25
N LYS B 56 9.50 -21.64 -16.23
CA LYS B 56 10.73 -21.41 -15.49
C LYS B 56 10.67 -20.01 -14.87
N GLY B 57 11.34 -19.85 -13.74
CA GLY B 57 11.29 -18.61 -12.97
C GLY B 57 12.66 -18.00 -12.77
N PHE B 58 12.69 -16.67 -12.65
CA PHE B 58 13.92 -15.92 -12.49
C PHE B 58 13.71 -14.79 -11.50
N SER B 59 14.78 -14.46 -10.77
CA SER B 59 14.76 -13.39 -9.79
CA SER B 59 14.76 -13.39 -9.78
C SER B 59 15.98 -12.50 -9.99
N GLY B 60 16.08 -11.45 -9.19
CA GLY B 60 17.18 -10.51 -9.26
C GLY B 60 16.82 -9.25 -10.04
N GLU B 61 17.86 -8.45 -10.30
CA GLU B 61 17.68 -7.22 -11.05
C GLU B 61 17.46 -7.46 -12.53
N ASP B 62 18.05 -8.52 -13.08
CA ASP B 62 18.11 -8.73 -14.53
C ASP B 62 16.96 -9.62 -14.98
N ALA B 63 16.07 -9.05 -15.80
CA ALA B 63 14.96 -9.80 -16.38
C ALA B 63 15.30 -10.38 -17.74
N THR B 64 16.53 -10.21 -18.22
CA THR B 64 16.89 -10.68 -19.55
C THR B 64 16.71 -12.18 -19.74
N PRO B 65 17.18 -13.06 -18.83
CA PRO B 65 16.97 -14.50 -19.05
C PRO B 65 15.49 -14.89 -19.16
N ALA B 66 14.60 -14.17 -18.48
CA ALA B 66 13.17 -14.44 -18.61
C ALA B 66 12.61 -13.93 -19.93
N LEU B 67 13.29 -12.97 -20.57
CA LEU B 67 12.77 -12.38 -21.79
C LEU B 67 13.25 -13.09 -23.05
N GLU B 68 14.23 -13.98 -22.95
CA GLU B 68 14.81 -14.62 -24.12
C GLU B 68 13.74 -15.37 -24.91
N GLY B 69 13.56 -14.97 -26.17
CA GLY B 69 12.59 -15.61 -27.04
C GLY B 69 11.14 -15.34 -26.72
N ALA B 70 10.85 -14.38 -25.84
CA ALA B 70 9.48 -14.09 -25.46
C ALA B 70 8.74 -13.44 -26.63
N ASP B 71 7.51 -13.89 -26.86
CA ASP B 71 6.63 -13.31 -27.88
C ASP B 71 5.61 -12.34 -27.29
N VAL B 72 5.16 -12.60 -26.07
CA VAL B 72 4.29 -11.69 -25.33
C VAL B 72 4.94 -11.42 -23.99
N VAL B 73 4.99 -10.14 -23.60
CA VAL B 73 5.53 -9.74 -22.31
C VAL B 73 4.42 -8.99 -21.56
N LEU B 74 4.00 -9.55 -20.43
CA LEU B 74 2.97 -8.95 -19.59
C LEU B 74 3.64 -8.39 -18.33
N ILE B 75 3.47 -7.10 -18.11
CA ILE B 75 4.13 -6.38 -17.02
C ILE B 75 3.09 -6.06 -15.97
N SER B 76 3.17 -6.73 -14.81
CA SER B 76 2.25 -6.50 -13.71
C SER B 76 2.96 -6.09 -12.43
N ALA B 77 4.24 -5.75 -12.50
CA ALA B 77 4.99 -5.36 -11.31
C ALA B 77 4.47 -4.02 -10.79
N GLY B 78 4.88 -3.67 -9.57
CA GLY B 78 4.50 -2.42 -8.96
C GLY B 78 3.53 -2.56 -7.81
N LEU B 90 1.78 6.06 -5.92
CA LEU B 90 0.89 5.76 -7.04
C LEU B 90 1.65 5.77 -8.36
N PHE B 91 1.44 6.83 -9.14
CA PHE B 91 2.36 7.15 -10.23
C PHE B 91 3.77 7.32 -9.69
N ASN B 92 3.89 7.85 -8.48
CA ASN B 92 5.18 8.14 -7.88
C ASN B 92 6.04 6.89 -7.76
N VAL B 93 5.42 5.75 -7.49
CA VAL B 93 6.14 4.50 -7.24
C VAL B 93 6.21 3.64 -8.50
N ASN B 94 5.11 3.55 -9.26
CA ASN B 94 5.06 2.61 -10.37
C ASN B 94 5.72 3.14 -11.64
N ALA B 95 5.93 4.45 -11.75
CA ALA B 95 6.52 5.01 -12.96
C ALA B 95 7.92 4.48 -13.19
N GLY B 96 8.76 4.51 -12.15
CA GLY B 96 10.12 4.02 -12.28
C GLY B 96 10.19 2.52 -12.49
N ILE B 97 9.24 1.78 -11.96
CA ILE B 97 9.22 0.32 -12.16
C ILE B 97 8.90 0.00 -13.61
N VAL B 98 7.87 0.65 -14.17
CA VAL B 98 7.52 0.42 -15.57
C VAL B 98 8.67 0.79 -16.48
N LYS B 99 9.31 1.93 -16.22
CA LYS B 99 10.40 2.40 -17.08
C LYS B 99 11.56 1.42 -17.08
N ASN B 100 11.93 0.91 -15.90
CA ASN B 100 13.04 -0.03 -15.80
C ASN B 100 12.76 -1.30 -16.58
N LEU B 101 11.55 -1.84 -16.44
CA LEU B 101 11.22 -3.11 -17.07
C LEU B 101 11.09 -2.96 -18.59
N VAL B 102 10.50 -1.86 -19.05
CA VAL B 102 10.36 -1.65 -20.49
C VAL B 102 11.72 -1.42 -21.13
N GLN B 103 12.64 -0.77 -20.41
CA GLN B 103 14.00 -0.60 -20.92
C GLN B 103 14.67 -1.94 -21.17
N GLN B 104 14.43 -2.91 -20.28
CA GLN B 104 15.00 -4.24 -20.47
C GLN B 104 14.32 -4.98 -21.62
N VAL B 105 13.02 -4.78 -21.78
CA VAL B 105 12.31 -5.38 -22.92
C VAL B 105 12.81 -4.76 -24.22
N ALA B 106 13.01 -3.44 -24.23
CA ALA B 106 13.45 -2.76 -25.44
C ALA B 106 14.82 -3.23 -25.90
N LYS B 107 15.70 -3.59 -24.97
CA LYS B 107 17.04 -4.02 -25.33
C LYS B 107 17.12 -5.50 -25.69
N THR B 108 16.16 -6.30 -25.25
CA THR B 108 16.27 -7.75 -25.41
C THR B 108 15.43 -8.25 -26.58
N CYS B 109 14.11 -8.15 -26.48
CA CYS B 109 13.18 -8.65 -27.49
C CYS B 109 12.25 -7.52 -27.88
N PRO B 110 12.70 -6.61 -28.76
CA PRO B 110 11.90 -5.42 -29.08
C PRO B 110 10.70 -5.70 -29.98
N LYS B 111 10.58 -6.91 -30.54
CA LYS B 111 9.46 -7.24 -31.41
C LYS B 111 8.32 -7.92 -30.67
N ALA B 112 8.45 -8.13 -29.36
CA ALA B 112 7.40 -8.77 -28.60
C ALA B 112 6.19 -7.85 -28.44
N CYS B 113 5.03 -8.47 -28.22
CA CYS B 113 3.85 -7.72 -27.81
C CYS B 113 3.92 -7.47 -26.31
N ILE B 114 3.71 -6.22 -25.91
CA ILE B 114 3.85 -5.79 -24.53
C ILE B 114 2.48 -5.45 -23.99
N GLY B 115 2.09 -6.10 -22.90
CA GLY B 115 0.86 -5.78 -22.21
C GLY B 115 1.12 -5.17 -20.85
N ILE B 116 0.78 -3.90 -20.70
CA ILE B 116 0.99 -3.18 -19.44
C ILE B 116 -0.23 -3.39 -18.56
N ILE B 117 -0.01 -4.03 -17.41
CA ILE B 117 -1.06 -4.23 -16.42
C ILE B 117 -0.84 -3.24 -15.29
N THR B 118 0.40 -2.84 -15.10
CA THR B 118 0.76 -1.92 -14.03
C THR B 118 -0.01 -0.60 -14.16
N ASN B 119 -0.64 -0.19 -13.08
CA ASN B 119 -1.48 0.99 -13.02
C ASN B 119 -0.68 2.18 -12.50
N PRO B 120 -1.10 3.42 -12.82
CA PRO B 120 -2.25 3.78 -13.66
C PRO B 120 -1.99 3.54 -15.15
N VAL B 121 -2.82 2.69 -15.76
CA VAL B 121 -2.57 2.23 -17.12
C VAL B 121 -2.63 3.40 -18.11
N ASN B 122 -3.52 4.35 -17.86
CA ASN B 122 -3.60 5.54 -18.72
C ASN B 122 -2.26 6.23 -18.86
N THR B 123 -1.43 6.18 -17.81
CA THR B 123 -0.14 6.86 -17.77
C THR B 123 1.03 5.92 -18.04
N THR B 124 0.99 4.69 -17.53
CA THR B 124 2.12 3.78 -17.68
C THR B 124 2.32 3.34 -19.12
N VAL B 125 1.24 3.29 -19.91
CA VAL B 125 1.38 2.94 -21.32
C VAL B 125 2.10 4.06 -22.07
N ALA B 126 1.83 5.31 -21.73
CA ALA B 126 2.55 6.43 -22.33
C ALA B 126 4.02 6.40 -21.94
N ILE B 127 4.31 6.04 -20.68
CA ILE B 127 5.70 5.88 -20.24
C ILE B 127 6.38 4.81 -21.10
N ALA B 128 5.72 3.65 -21.24
CA ALA B 128 6.32 2.55 -22.00
C ALA B 128 6.57 2.94 -23.44
N ALA B 129 5.63 3.65 -24.06
CA ALA B 129 5.80 4.06 -25.45
C ALA B 129 6.99 4.98 -25.62
N GLU B 130 7.17 5.92 -24.69
CA GLU B 130 8.30 6.84 -24.81
C GLU B 130 9.63 6.13 -24.51
N VAL B 131 9.64 5.19 -23.57
CA VAL B 131 10.84 4.40 -23.32
C VAL B 131 11.22 3.62 -24.58
N LEU B 132 10.23 2.96 -25.20
CA LEU B 132 10.49 2.24 -26.44
C LEU B 132 10.91 3.20 -27.55
N LYS B 133 10.37 4.42 -27.54
CA LYS B 133 10.78 5.42 -28.53
C LYS B 133 12.26 5.75 -28.39
N LYS B 134 12.74 5.91 -27.15
CA LYS B 134 14.14 6.26 -26.92
C LYS B 134 15.08 5.16 -27.42
N ALA B 135 14.65 3.90 -27.28
CA ALA B 135 15.41 2.77 -27.79
C ALA B 135 15.18 2.54 -29.28
N GLY B 136 14.34 3.35 -29.92
CA GLY B 136 14.12 3.24 -31.35
C GLY B 136 13.40 1.98 -31.79
N VAL B 137 12.53 1.43 -30.94
CA VAL B 137 11.86 0.17 -31.25
C VAL B 137 10.37 0.26 -30.96
N TYR B 138 9.83 1.47 -30.86
CA TYR B 138 8.42 1.62 -30.53
C TYR B 138 7.55 1.23 -31.72
N ASP B 139 6.59 0.34 -31.47
CA ASP B 139 5.64 -0.11 -32.48
C ASP B 139 4.24 0.07 -31.90
N LYS B 140 3.45 0.96 -32.54
CA LYS B 140 2.11 1.22 -32.03
C LYS B 140 1.24 -0.02 -32.00
N ASN B 141 1.51 -0.97 -32.89
CA ASN B 141 0.68 -2.17 -33.01
C ASN B 141 1.02 -3.25 -31.98
N LYS B 142 2.05 -3.05 -31.16
CA LYS B 142 2.52 -4.08 -30.25
C LYS B 142 2.46 -3.69 -28.77
N LEU B 143 1.96 -2.50 -28.45
CA LEU B 143 1.90 -2.03 -27.06
C LEU B 143 0.44 -1.91 -26.65
N PHE B 144 0.07 -2.60 -25.58
CA PHE B 144 -1.31 -2.66 -25.11
C PHE B 144 -1.39 -2.26 -23.64
N GLY B 145 -2.35 -1.41 -23.33
CA GLY B 145 -2.78 -1.25 -21.95
C GLY B 145 -3.92 -2.20 -21.67
N VAL B 146 -3.74 -3.10 -20.71
CA VAL B 146 -4.73 -4.15 -20.45
C VAL B 146 -5.89 -3.54 -19.68
N THR B 147 -7.03 -3.37 -20.36
CA THR B 147 -8.23 -2.81 -19.76
C THR B 147 -9.31 -3.85 -19.53
N THR B 148 -8.97 -5.14 -19.68
CA THR B 148 -9.99 -6.19 -19.71
C THR B 148 -10.78 -6.27 -18.40
N LEU B 149 -10.18 -5.82 -17.29
CA LEU B 149 -10.90 -5.87 -16.02
C LEU B 149 -12.19 -5.07 -16.07
N ASP B 150 -12.17 -3.93 -16.78
CA ASP B 150 -13.39 -3.15 -16.93
C ASP B 150 -14.45 -3.90 -17.71
N ILE B 151 -14.04 -4.75 -18.64
CA ILE B 151 -15.00 -5.45 -19.50
C ILE B 151 -15.66 -6.60 -18.73
N ILE B 152 -14.87 -7.42 -18.04
CA ILE B 152 -15.44 -8.54 -17.31
C ILE B 152 -16.27 -8.04 -16.13
N ARG B 153 -15.88 -6.91 -15.54
CA ARG B 153 -16.71 -6.29 -14.52
C ARG B 153 -18.05 -5.86 -15.09
N SER B 154 -18.03 -5.19 -16.25
CA SER B 154 -19.27 -4.78 -16.91
C SER B 154 -20.15 -5.99 -17.23
N ASN B 155 -19.53 -7.08 -17.70
CA ASN B 155 -20.29 -8.29 -17.99
C ASN B 155 -21.01 -8.80 -16.74
N THR B 156 -20.32 -8.81 -15.60
CA THR B 156 -20.91 -9.27 -14.36
C THR B 156 -22.09 -8.40 -13.95
N PHE B 157 -21.88 -7.08 -13.93
CA PHE B 157 -22.91 -6.18 -13.41
C PHE B 157 -24.14 -6.15 -14.31
N VAL B 158 -23.94 -6.14 -15.63
CA VAL B 158 -25.07 -6.16 -16.56
C VAL B 158 -25.84 -7.46 -16.43
N ALA B 159 -25.12 -8.59 -16.37
CA ALA B 159 -25.79 -9.89 -16.27
C ALA B 159 -26.54 -10.01 -14.94
N GLU B 160 -25.99 -9.46 -13.86
CA GLU B 160 -26.68 -9.50 -12.58
C GLU B 160 -27.97 -8.68 -12.63
N LEU B 161 -27.91 -7.49 -13.23
CA LEU B 161 -29.10 -6.64 -13.29
C LEU B 161 -30.15 -7.21 -14.22
N LYS B 162 -29.74 -7.80 -15.34
CA LYS B 162 -30.66 -8.24 -16.37
C LYS B 162 -30.99 -9.72 -16.29
N GLY B 163 -30.54 -10.41 -15.25
CA GLY B 163 -30.87 -11.82 -15.08
C GLY B 163 -30.36 -12.71 -16.18
N LYS B 164 -29.24 -12.36 -16.79
CA LYS B 164 -28.62 -13.16 -17.84
C LYS B 164 -27.49 -14.00 -17.27
N GLN B 165 -27.06 -14.99 -18.03
CA GLN B 165 -25.88 -15.76 -17.66
C GLN B 165 -24.65 -14.89 -17.83
N PRO B 166 -23.78 -14.78 -16.81
CA PRO B 166 -22.64 -13.86 -16.93
C PRO B 166 -21.71 -14.17 -18.08
N GLY B 167 -21.51 -15.45 -18.40
CA GLY B 167 -20.66 -15.80 -19.52
C GLY B 167 -21.26 -15.53 -20.88
N GLU B 168 -22.49 -15.04 -20.95
CA GLU B 168 -23.18 -14.81 -22.21
C GLU B 168 -23.36 -13.33 -22.54
N VAL B 169 -22.78 -12.44 -21.73
CA VAL B 169 -22.88 -11.01 -21.95
C VAL B 169 -21.48 -10.47 -22.19
N GLU B 170 -21.32 -9.71 -23.27
CA GLU B 170 -20.07 -9.02 -23.57
C GLU B 170 -20.38 -7.55 -23.79
N VAL B 171 -19.89 -6.70 -22.89
CA VAL B 171 -20.10 -5.27 -22.96
C VAL B 171 -18.84 -4.63 -23.56
N PRO B 172 -18.95 -3.89 -24.65
CA PRO B 172 -17.80 -3.09 -25.11
C PRO B 172 -17.53 -1.96 -24.14
N VAL B 173 -16.25 -1.76 -23.82
CA VAL B 173 -15.81 -0.69 -22.93
C VAL B 173 -14.65 0.02 -23.61
N ILE B 174 -14.76 1.35 -23.73
CA ILE B 174 -13.80 2.15 -24.47
C ILE B 174 -13.27 3.27 -23.57
N GLY B 175 -12.24 3.95 -24.05
CA GLY B 175 -11.71 5.12 -23.36
C GLY B 175 -10.44 4.86 -22.59
N GLY B 176 -10.49 5.08 -21.28
CA GLY B 176 -9.35 4.85 -20.42
C GLY B 176 -9.60 3.77 -19.40
N HIS B 177 -8.69 3.60 -18.44
CA HIS B 177 -8.74 2.52 -17.47
C HIS B 177 -8.99 3.01 -16.05
N SER B 178 -9.35 4.28 -15.87
CA SER B 178 -9.48 4.84 -14.53
C SER B 178 -10.63 5.83 -14.47
N GLY B 179 -11.53 5.62 -13.50
CA GLY B 179 -12.51 6.62 -13.16
C GLY B 179 -13.45 6.95 -14.31
N VAL B 180 -13.53 8.25 -14.62
CA VAL B 180 -14.48 8.72 -15.63
C VAL B 180 -14.02 8.46 -17.06
N THR B 181 -12.79 7.98 -17.25
CA THR B 181 -12.34 7.61 -18.58
C THR B 181 -12.82 6.23 -19.01
N ILE B 182 -13.38 5.45 -18.09
CA ILE B 182 -13.97 4.15 -18.42
C ILE B 182 -15.38 4.37 -18.93
N LEU B 183 -15.63 3.98 -20.19
CA LEU B 183 -16.92 4.21 -20.85
C LEU B 183 -17.49 2.89 -21.34
N PRO B 184 -18.35 2.25 -20.55
CA PRO B 184 -19.04 1.04 -21.05
C PRO B 184 -20.12 1.43 -22.04
N LEU B 185 -20.10 0.77 -23.21
CA LEU B 185 -21.06 1.06 -24.27
C LEU B 185 -22.29 0.15 -24.10
N LEU B 186 -23.10 0.49 -23.10
CA LEU B 186 -24.27 -0.31 -22.77
C LEU B 186 -25.30 -0.29 -23.90
N SER B 187 -25.31 0.77 -24.72
CA SER B 187 -26.24 0.85 -25.83
C SER B 187 -25.95 -0.17 -26.92
N GLN B 188 -24.77 -0.77 -26.90
CA GLN B 188 -24.38 -1.73 -27.92
C GLN B 188 -24.49 -3.18 -27.47
N VAL B 189 -24.90 -3.43 -26.24
CA VAL B 189 -24.91 -4.81 -25.76
C VAL B 189 -26.07 -5.50 -26.47
N PRO B 190 -25.80 -6.54 -27.25
CA PRO B 190 -26.83 -7.11 -28.11
C PRO B 190 -27.88 -7.87 -27.31
N GLY B 191 -29.16 -7.63 -27.62
CA GLY B 191 -30.25 -8.37 -27.04
C GLY B 191 -30.78 -7.86 -25.72
N VAL B 192 -30.45 -6.62 -25.34
CA VAL B 192 -30.89 -6.05 -24.07
C VAL B 192 -30.88 -4.53 -24.18
N SER B 193 -31.88 -3.90 -23.56
CA SER B 193 -31.97 -2.46 -23.47
C SER B 193 -31.95 -2.03 -22.01
N PHE B 194 -31.62 -0.76 -21.79
CA PHE B 194 -31.54 -0.20 -20.45
C PHE B 194 -32.29 1.12 -20.39
N THR B 195 -32.88 1.41 -19.23
CA THR B 195 -33.39 2.74 -18.99
C THR B 195 -32.24 3.71 -18.76
N GLU B 196 -32.52 5.00 -18.93
CA GLU B 196 -31.47 6.00 -18.75
C GLU B 196 -30.96 6.05 -17.32
N GLN B 197 -31.78 5.63 -16.35
CA GLN B 197 -31.31 5.54 -14.98
C GLN B 197 -30.44 4.30 -14.78
N GLU B 198 -30.79 3.19 -15.43
CA GLU B 198 -29.94 2.01 -15.38
C GLU B 198 -28.58 2.28 -16.00
N VAL B 199 -28.55 3.06 -17.09
CA VAL B 199 -27.28 3.39 -17.73
C VAL B 199 -26.41 4.22 -16.79
N ALA B 200 -27.01 5.21 -16.13
CA ALA B 200 -26.24 6.08 -15.25
C ALA B 200 -25.69 5.31 -14.05
N ASP B 201 -26.50 4.43 -13.46
CA ASP B 201 -26.05 3.70 -12.27
C ASP B 201 -25.10 2.57 -12.63
N LEU B 202 -25.33 1.91 -13.77
CA LEU B 202 -24.38 0.90 -14.24
C LEU B 202 -23.01 1.52 -14.52
N THR B 203 -23.00 2.67 -15.19
CA THR B 203 -21.75 3.32 -15.54
C THR B 203 -20.97 3.72 -14.30
N LYS B 204 -21.65 4.30 -13.30
CA LYS B 204 -20.95 4.76 -12.11
C LYS B 204 -20.38 3.60 -11.31
N ARG B 205 -21.08 2.47 -11.26
CA ARG B 205 -20.53 1.31 -10.56
C ARG B 205 -19.33 0.73 -11.30
N ILE B 206 -19.40 0.68 -12.63
CA ILE B 206 -18.28 0.20 -13.42
C ILE B 206 -17.07 1.11 -13.23
N GLN B 207 -17.28 2.42 -13.23
CA GLN B 207 -16.19 3.37 -13.09
C GLN B 207 -15.59 3.38 -11.68
N ASN B 208 -16.29 2.82 -10.69
CA ASN B 208 -15.84 2.86 -9.30
C ASN B 208 -15.74 1.46 -8.70
N ALA B 209 -15.65 0.43 -9.53
CA ALA B 209 -15.68 -0.94 -9.01
C ALA B 209 -14.47 -1.26 -8.15
N GLY B 210 -13.32 -0.65 -8.45
CA GLY B 210 -12.13 -0.90 -7.66
C GLY B 210 -12.27 -0.52 -6.20
N THR B 211 -13.05 0.54 -5.93
CA THR B 211 -13.24 0.97 -4.55
C THR B 211 -14.05 -0.04 -3.75
N GLU B 212 -14.92 -0.80 -4.42
CA GLU B 212 -15.62 -1.91 -3.74
C GLU B 212 -14.61 -2.87 -3.12
N VAL B 213 -13.58 -3.24 -3.88
CA VAL B 213 -12.61 -4.22 -3.40
C VAL B 213 -11.75 -3.63 -2.30
N VAL B 214 -11.26 -2.40 -2.50
CA VAL B 214 -10.40 -1.78 -1.50
C VAL B 214 -11.15 -1.56 -0.20
N GLU B 215 -12.42 -1.14 -0.28
CA GLU B 215 -13.20 -0.92 0.92
C GLU B 215 -13.49 -2.23 1.64
N ALA B 216 -13.91 -3.26 0.89
CA ALA B 216 -14.22 -4.54 1.51
C ALA B 216 -12.98 -5.22 2.08
N LYS B 217 -11.81 -4.94 1.51
CA LYS B 217 -10.55 -5.47 2.04
C LYS B 217 -10.05 -4.69 3.25
N ALA B 218 -10.85 -3.77 3.78
CA ALA B 218 -10.49 -2.96 4.94
C ALA B 218 -9.16 -2.24 4.71
N GLY B 219 -8.93 -1.83 3.47
CA GLY B 219 -7.66 -1.22 3.12
C GLY B 219 -6.48 -2.15 3.16
N GLY B 220 -6.71 -3.46 3.04
CA GLY B 220 -5.64 -4.43 3.10
C GLY B 220 -5.26 -5.01 1.76
N GLY B 221 -5.58 -4.31 0.68
CA GLY B 221 -5.22 -4.75 -0.65
C GLY B 221 -6.21 -4.25 -1.67
N SER B 222 -5.96 -4.63 -2.93
CA SER B 222 -6.83 -4.26 -4.03
C SER B 222 -7.23 -5.48 -4.85
N ALA B 223 -7.75 -5.26 -6.05
CA ALA B 223 -8.24 -6.35 -6.89
C ALA B 223 -7.04 -7.09 -7.47
N THR B 224 -6.75 -8.28 -6.94
CA THR B 224 -5.63 -9.09 -7.39
C THR B 224 -6.07 -10.29 -8.20
N LEU B 225 -7.08 -11.03 -7.75
CA LEU B 225 -7.48 -12.26 -8.42
C LEU B 225 -8.25 -11.96 -9.70
N SER B 226 -9.21 -11.03 -9.63
CA SER B 226 -9.96 -10.67 -10.83
C SER B 226 -9.10 -9.94 -11.83
N MET B 227 -8.14 -9.14 -11.37
CA MET B 227 -7.19 -8.52 -12.29
C MET B 227 -6.35 -9.57 -13.00
N GLY B 228 -5.95 -10.63 -12.27
CA GLY B 228 -5.24 -11.72 -12.91
C GLY B 228 -6.08 -12.43 -13.95
N GLN B 229 -7.36 -12.66 -13.64
CA GLN B 229 -8.25 -13.31 -14.60
C GLN B 229 -8.43 -12.46 -15.85
N ALA B 230 -8.59 -11.15 -15.67
CA ALA B 230 -8.72 -10.25 -16.82
C ALA B 230 -7.44 -10.25 -17.65
N ALA B 231 -6.29 -10.13 -16.98
CA ALA B 231 -5.02 -10.16 -17.69
C ALA B 231 -4.80 -11.50 -18.39
N ALA B 232 -5.27 -12.60 -17.78
CA ALA B 232 -5.15 -13.90 -18.42
C ALA B 232 -6.00 -13.98 -19.68
N ARG B 233 -7.22 -13.46 -19.63
CA ARG B 233 -8.08 -13.46 -20.81
C ARG B 233 -7.42 -12.71 -21.97
N PHE B 234 -6.89 -11.51 -21.69
CA PHE B 234 -6.24 -10.74 -22.73
C PHE B 234 -4.99 -11.45 -23.25
N GLY B 235 -4.20 -12.02 -22.34
CA GLY B 235 -3.01 -12.75 -22.76
C GLY B 235 -3.35 -13.95 -23.63
N LEU B 236 -4.40 -14.68 -23.27
CA LEU B 236 -4.80 -15.83 -24.07
C LEU B 236 -5.34 -15.41 -25.42
N SER B 237 -6.06 -14.28 -25.47
CA SER B 237 -6.54 -13.77 -26.75
C SER B 237 -5.39 -13.36 -27.66
N LEU B 238 -4.38 -12.69 -27.09
CA LEU B 238 -3.19 -12.34 -27.86
C LEU B 238 -2.52 -13.58 -28.43
N VAL B 239 -2.36 -14.62 -27.60
CA VAL B 239 -1.67 -15.84 -28.03
C VAL B 239 -2.46 -16.53 -29.13
N ARG B 240 -3.78 -16.56 -29.01
CA ARG B 240 -4.61 -17.14 -30.07
C ARG B 240 -4.37 -16.44 -31.40
N ALA B 241 -4.39 -15.10 -31.39
CA ALA B 241 -4.19 -14.34 -32.62
C ALA B 241 -2.78 -14.51 -33.15
N LEU B 242 -1.79 -14.59 -32.26
CA LEU B 242 -0.41 -14.81 -32.71
C LEU B 242 -0.23 -16.18 -33.33
N GLN B 243 -1.08 -17.15 -33.01
CA GLN B 243 -1.05 -18.46 -33.62
C GLN B 243 -1.87 -18.55 -34.89
N GLY B 244 -2.47 -17.44 -35.32
CA GLY B 244 -3.21 -17.41 -36.58
C GLY B 244 -4.71 -17.47 -36.47
N GLU B 245 -5.26 -17.61 -35.26
CA GLU B 245 -6.70 -17.64 -35.10
C GLU B 245 -7.32 -16.33 -35.58
N GLN B 246 -8.41 -16.44 -36.33
CA GLN B 246 -9.01 -15.30 -37.01
C GLN B 246 -10.23 -14.80 -36.24
N GLY B 247 -10.50 -13.50 -36.39
CA GLY B 247 -11.66 -12.91 -35.76
C GLY B 247 -11.54 -12.66 -34.28
N VAL B 248 -10.32 -12.60 -33.76
CA VAL B 248 -10.11 -12.33 -32.34
C VAL B 248 -10.17 -10.83 -32.11
N VAL B 249 -11.17 -10.38 -31.36
CA VAL B 249 -11.40 -8.96 -31.11
C VAL B 249 -11.40 -8.73 -29.61
N GLU B 250 -10.46 -7.90 -29.15
CA GLU B 250 -10.41 -7.47 -27.76
C GLU B 250 -10.21 -5.96 -27.71
N CYS B 251 -10.71 -5.35 -26.64
CA CYS B 251 -10.48 -3.93 -26.41
C CYS B 251 -9.23 -3.75 -25.56
N ALA B 252 -8.40 -2.78 -25.94
CA ALA B 252 -7.18 -2.50 -25.21
C ALA B 252 -6.77 -1.04 -25.45
N TYR B 253 -6.05 -0.51 -24.48
CA TYR B 253 -5.58 0.88 -24.48
C TYR B 253 -4.34 0.97 -25.37
N VAL B 254 -4.52 1.49 -26.59
CA VAL B 254 -3.44 1.53 -27.57
C VAL B 254 -3.36 2.93 -28.18
N GLU B 255 -2.21 3.21 -28.79
CA GLU B 255 -2.05 4.41 -29.60
C GLU B 255 -2.71 4.18 -30.95
N GLY B 256 -3.75 4.97 -31.25
CA GLY B 256 -4.48 4.81 -32.49
C GLY B 256 -4.36 6.00 -33.40
N ASP B 257 -5.48 6.41 -34.00
CA ASP B 257 -5.48 7.55 -34.91
C ASP B 257 -5.49 8.89 -34.18
N GLY B 258 -5.79 8.91 -32.89
CA GLY B 258 -5.78 10.14 -32.13
C GLY B 258 -6.99 11.02 -32.31
N GLN B 259 -8.12 10.46 -32.76
CA GLN B 259 -9.34 11.25 -32.90
C GLN B 259 -9.77 11.84 -31.56
N TYR B 260 -9.63 11.06 -30.49
CA TYR B 260 -10.04 11.48 -29.16
C TYR B 260 -8.85 11.75 -28.24
N ALA B 261 -7.88 10.83 -28.20
CA ALA B 261 -6.64 11.03 -27.46
C ALA B 261 -5.56 10.22 -28.14
N ARG B 262 -4.31 10.51 -27.78
CA ARG B 262 -3.19 9.78 -28.38
C ARG B 262 -3.31 8.28 -28.10
N PHE B 263 -3.51 7.91 -26.85
CA PHE B 263 -3.83 6.54 -26.48
C PHE B 263 -5.31 6.45 -26.14
N PHE B 264 -5.95 5.38 -26.61
CA PHE B 264 -7.40 5.24 -26.44
C PHE B 264 -7.76 3.76 -26.55
N SER B 265 -8.64 3.31 -25.66
CA SER B 265 -9.09 1.93 -25.66
C SER B 265 -10.26 1.76 -26.60
N GLN B 266 -10.15 0.81 -27.53
CA GLN B 266 -11.14 0.60 -28.55
C GLN B 266 -11.07 -0.86 -29.00
N PRO B 267 -12.10 -1.38 -29.65
CA PRO B 267 -12.03 -2.75 -30.17
C PRO B 267 -10.89 -2.90 -31.17
N LEU B 268 -10.14 -4.00 -31.00
CA LEU B 268 -8.98 -4.27 -31.84
C LEU B 268 -9.10 -5.68 -32.41
N LEU B 269 -9.13 -5.78 -33.73
CA LEU B 269 -8.89 -7.06 -34.38
C LEU B 269 -7.41 -7.38 -34.28
N LEU B 270 -7.08 -8.46 -33.58
CA LEU B 270 -5.69 -8.83 -33.35
C LEU B 270 -5.25 -9.87 -34.37
N GLY B 271 -3.95 -9.83 -34.70
CA GLY B 271 -3.39 -10.77 -35.65
C GLY B 271 -2.00 -11.23 -35.28
N LYS B 272 -1.26 -11.76 -36.26
CA LYS B 272 0.06 -12.31 -36.00
C LYS B 272 1.06 -11.24 -35.59
N ASN B 273 0.80 -9.98 -35.90
CA ASN B 273 1.73 -8.88 -35.63
C ASN B 273 1.34 -8.07 -34.40
N GLY B 274 0.23 -8.41 -33.75
CA GLY B 274 -0.32 -7.59 -32.70
C GLY B 274 -1.69 -7.08 -33.08
N VAL B 275 -1.83 -5.77 -33.26
CA VAL B 275 -3.07 -5.19 -33.76
C VAL B 275 -3.10 -5.38 -35.27
N GLU B 276 -4.14 -6.04 -35.78
CA GLU B 276 -4.35 -6.16 -37.22
C GLU B 276 -5.10 -4.94 -37.76
N GLU B 277 -6.21 -4.58 -37.11
CA GLU B 277 -6.93 -3.35 -37.44
C GLU B 277 -7.56 -2.82 -36.16
N ARG B 278 -7.63 -1.50 -36.07
CA ARG B 278 -8.33 -0.84 -34.97
C ARG B 278 -9.74 -0.54 -35.44
N LYS B 279 -10.71 -1.22 -34.85
CA LYS B 279 -12.10 -1.13 -35.29
C LYS B 279 -12.79 0.09 -34.69
N SER B 280 -13.86 0.51 -35.35
CA SER B 280 -14.62 1.66 -34.90
C SER B 280 -15.33 1.36 -33.59
N ILE B 281 -15.51 2.40 -32.77
CA ILE B 281 -16.25 2.26 -31.53
C ILE B 281 -17.75 2.14 -31.78
N GLY B 282 -18.20 2.30 -33.02
CA GLY B 282 -19.59 2.11 -33.36
C GLY B 282 -20.44 3.34 -33.10
N THR B 283 -21.75 3.11 -33.10
CA THR B 283 -22.71 4.17 -32.82
C THR B 283 -22.85 4.36 -31.32
N LEU B 284 -22.71 5.60 -30.87
CA LEU B 284 -22.80 5.95 -29.47
C LEU B 284 -24.15 6.57 -29.15
N SER B 285 -24.72 6.20 -28.01
CA SER B 285 -25.93 6.85 -27.54
C SER B 285 -25.60 8.28 -27.08
N ALA B 286 -26.65 9.07 -26.84
CA ALA B 286 -26.46 10.45 -26.40
C ALA B 286 -25.68 10.49 -25.10
N PHE B 287 -25.99 9.59 -24.15
CA PHE B 287 -25.26 9.52 -22.90
C PHE B 287 -23.80 9.17 -23.15
N GLU B 288 -23.55 8.17 -24.00
CA GLU B 288 -22.18 7.69 -24.21
C GLU B 288 -21.33 8.72 -24.92
N GLN B 289 -21.88 9.41 -25.93
CA GLN B 289 -21.14 10.48 -26.59
C GLN B 289 -20.84 11.63 -25.63
N ASN B 290 -21.74 11.87 -24.68
CA ASN B 290 -21.53 12.93 -23.71
C ASN B 290 -20.43 12.59 -22.72
N ALA B 291 -20.44 11.35 -22.20
CA ALA B 291 -19.39 10.93 -21.28
C ALA B 291 -18.04 10.84 -21.96
N LEU B 292 -18.02 10.50 -23.26
CA LEU B 292 -16.77 10.41 -24.00
C LEU B 292 -16.04 11.75 -24.03
N GLU B 293 -16.71 12.78 -24.56
CA GLU B 293 -16.10 14.09 -24.68
C GLU B 293 -15.89 14.75 -23.32
N GLY B 294 -16.63 14.34 -22.29
CA GLY B 294 -16.50 14.89 -20.97
C GLY B 294 -15.33 14.37 -20.15
N MET B 295 -14.59 13.39 -20.67
CA MET B 295 -13.44 12.85 -19.96
C MET B 295 -12.14 12.97 -20.73
N LEU B 296 -12.17 13.49 -21.96
CA LEU B 296 -10.97 13.54 -22.79
C LEU B 296 -9.88 14.40 -22.15
N ASP B 297 -10.26 15.44 -21.40
CA ASP B 297 -9.26 16.32 -20.80
C ASP B 297 -8.44 15.57 -19.75
N THR B 298 -9.10 14.83 -18.86
CA THR B 298 -8.38 14.11 -17.82
C THR B 298 -7.61 12.92 -18.40
N LEU B 299 -8.05 12.40 -19.54
CA LEU B 299 -7.29 11.34 -20.21
C LEU B 299 -6.02 11.91 -20.83
N LYS B 300 -6.12 13.06 -21.48
CA LYS B 300 -4.94 13.69 -22.07
C LYS B 300 -3.94 14.12 -21.00
N LYS B 301 -4.43 14.52 -19.82
CA LYS B 301 -3.53 14.84 -18.72
C LYS B 301 -2.79 13.60 -18.24
N ASP B 302 -3.49 12.47 -18.15
CA ASP B 302 -2.84 11.22 -17.74
C ASP B 302 -1.76 10.81 -18.73
N ILE B 303 -2.00 11.02 -20.03
CA ILE B 303 -1.01 10.66 -21.03
C ILE B 303 0.19 11.60 -20.95
N ALA B 304 -0.06 12.90 -20.86
CA ALA B 304 1.04 13.87 -20.79
C ALA B 304 1.91 13.62 -19.57
N LEU B 305 1.30 13.23 -18.45
CA LEU B 305 2.06 12.91 -17.25
C LEU B 305 3.07 11.80 -17.53
N GLY B 306 2.68 10.79 -18.31
CA GLY B 306 3.61 9.74 -18.65
C GLY B 306 4.65 10.17 -19.66
N GLN B 307 4.23 10.94 -20.66
CA GLN B 307 5.18 11.40 -21.69
C GLN B 307 6.26 12.28 -21.07
N GLU B 308 5.87 13.17 -20.15
CA GLU B 308 6.82 14.12 -19.57
C GLU B 308 7.78 13.45 -18.59
N PHE B 309 7.41 12.30 -18.02
CA PHE B 309 8.32 11.63 -17.09
C PHE B 309 9.55 11.09 -17.80
N VAL B 310 9.41 10.72 -19.07
CA VAL B 310 10.53 10.14 -19.82
C VAL B 310 11.31 11.21 -20.57
N ASN B 311 10.62 12.19 -21.15
CA ASN B 311 11.27 13.19 -21.98
C ASN B 311 11.66 14.43 -21.18
N MET C 1 -4.04 23.03 29.19
CA MET C 1 -4.08 23.74 27.92
C MET C 1 -4.21 22.75 26.77
N LYS C 2 -5.36 22.77 26.09
CA LYS C 2 -5.66 21.80 25.04
C LYS C 2 -6.10 22.51 23.78
N VAL C 3 -5.54 22.10 22.64
CA VAL C 3 -5.89 22.63 21.33
C VAL C 3 -6.61 21.53 20.56
N ALA C 4 -7.73 21.89 19.93
CA ALA C 4 -8.49 20.97 19.09
C ALA C 4 -8.33 21.40 17.63
N VAL C 5 -7.99 20.45 16.77
CA VAL C 5 -7.81 20.70 15.35
C VAL C 5 -8.93 19.99 14.60
N LEU C 6 -9.82 20.78 14.00
CA LEU C 6 -10.93 20.25 13.22
C LEU C 6 -10.56 20.29 11.75
N GLY C 7 -10.58 19.13 11.09
CA GLY C 7 -10.03 18.97 9.78
C GLY C 7 -8.58 18.52 9.75
N ALA C 8 -8.18 17.66 10.69
CA ALA C 8 -6.78 17.32 10.88
C ALA C 8 -6.27 16.25 9.92
N ALA C 9 -7.15 15.66 9.10
CA ALA C 9 -6.72 14.63 8.16
C ALA C 9 -6.20 15.20 6.85
N GLY C 10 -6.52 16.44 6.53
CA GLY C 10 -6.00 17.06 5.33
C GLY C 10 -4.52 17.40 5.46
N GLY C 11 -3.94 17.81 4.33
CA GLY C 11 -2.54 18.17 4.31
C GLY C 11 -2.21 19.30 5.27
N ILE C 12 -3.07 20.31 5.33
CA ILE C 12 -2.86 21.41 6.27
C ILE C 12 -3.01 20.92 7.71
N GLY C 13 -4.04 20.12 7.97
CA GLY C 13 -4.30 19.67 9.33
C GLY C 13 -3.20 18.77 9.86
N GLN C 14 -2.66 17.90 9.02
CA GLN C 14 -1.60 17.00 9.47
C GLN C 14 -0.30 17.76 9.71
N ALA C 15 0.03 18.73 8.84
CA ALA C 15 1.20 19.55 9.07
C ALA C 15 1.04 20.38 10.33
N LEU C 16 -0.14 20.96 10.53
CA LEU C 16 -0.42 21.72 11.74
C LEU C 16 -0.34 20.83 12.97
N ALA C 17 -0.93 19.63 12.89
CA ALA C 17 -0.91 18.71 14.02
C ALA C 17 0.51 18.26 14.34
N LEU C 18 1.32 18.02 13.31
CA LEU C 18 2.71 17.62 13.54
C LEU C 18 3.49 18.72 14.25
N LEU C 19 3.30 19.97 13.82
CA LEU C 19 4.04 21.07 14.44
C LEU C 19 3.55 21.34 15.86
N LEU C 20 2.25 21.19 16.09
CA LEU C 20 1.72 21.42 17.44
C LEU C 20 2.17 20.33 18.40
N LYS C 21 2.24 19.09 17.93
CA LYS C 21 2.67 17.99 18.80
C LYS C 21 4.11 18.16 19.24
N THR C 22 4.94 18.78 18.41
CA THR C 22 6.36 18.92 18.70
C THR C 22 6.75 20.29 19.26
N GLN C 23 5.83 21.25 19.33
CA GLN C 23 6.15 22.60 19.78
CA GLN C 23 6.16 22.59 19.78
C GLN C 23 5.28 23.11 20.91
N LEU C 24 4.14 22.48 21.20
CA LEU C 24 3.33 22.93 22.32
C LEU C 24 4.07 22.73 23.63
N PRO C 25 3.82 23.56 24.64
CA PRO C 25 4.50 23.38 25.93
C PRO C 25 4.20 22.03 26.55
N SER C 26 5.14 21.56 27.37
CA SER C 26 4.94 20.32 28.11
C SER C 26 3.71 20.42 28.99
N GLY C 27 2.89 19.37 28.97
CA GLY C 27 1.64 19.36 29.70
C GLY C 27 0.43 19.77 28.90
N SER C 28 0.59 20.08 27.61
CA SER C 28 -0.54 20.41 26.76
C SER C 28 -1.23 19.14 26.27
N GLU C 29 -2.44 19.32 25.76
CA GLU C 29 -3.20 18.25 25.13
C GLU C 29 -3.60 18.68 23.73
N LEU C 30 -3.72 17.70 22.84
CA LEU C 30 -4.05 17.96 21.45
C LEU C 30 -5.09 16.94 20.99
N SER C 31 -6.15 17.42 20.36
CA SER C 31 -7.20 16.54 19.85
C SER C 31 -7.43 16.83 18.37
N LEU C 32 -7.57 15.76 17.60
CA LEU C 32 -7.75 15.84 16.15
C LEU C 32 -9.11 15.26 15.79
N TYR C 33 -9.89 16.02 15.02
CA TYR C 33 -11.15 15.54 14.49
C TYR C 33 -11.18 15.74 12.98
N ASP C 34 -11.83 14.81 12.28
CA ASP C 34 -12.05 14.88 10.84
C ASP C 34 -12.98 13.75 10.46
N ILE C 35 -13.89 14.02 9.51
CA ILE C 35 -14.81 13.00 9.03
C ILE C 35 -14.07 11.83 8.41
N ALA C 36 -12.85 12.06 7.94
CA ALA C 36 -12.06 10.98 7.36
C ALA C 36 -11.79 9.91 8.41
N PRO C 37 -12.09 8.63 8.12
CA PRO C 37 -11.87 7.58 9.13
C PRO C 37 -10.40 7.38 9.50
N VAL C 38 -9.47 8.00 8.78
CA VAL C 38 -8.04 7.86 9.09
C VAL C 38 -7.66 8.62 10.35
N THR C 39 -8.49 9.58 10.77
CA THR C 39 -8.08 10.52 11.80
C THR C 39 -7.65 9.88 13.12
N PRO C 40 -8.33 8.87 13.68
CA PRO C 40 -7.82 8.24 14.90
C PRO C 40 -6.40 7.72 14.76
N GLY C 41 -6.04 7.23 13.56
CA GLY C 41 -4.69 6.74 13.36
C GLY C 41 -3.67 7.82 13.12
N VAL C 42 -4.09 8.97 12.58
CA VAL C 42 -3.19 10.12 12.47
C VAL C 42 -2.68 10.53 13.85
N ALA C 43 -3.57 10.50 14.85
CA ALA C 43 -3.16 10.87 16.20
C ALA C 43 -2.29 9.79 16.84
N VAL C 44 -2.64 8.52 16.61
CA VAL C 44 -1.79 7.43 17.11
C VAL C 44 -0.40 7.53 16.49
N ASP C 45 -0.33 7.86 15.19
CA ASP C 45 0.94 8.15 14.54
C ASP C 45 1.71 9.22 15.30
N LEU C 46 1.08 10.36 15.53
CA LEU C 46 1.75 11.45 16.23
C LEU C 46 2.05 11.09 17.68
N SER C 47 1.22 10.23 18.29
CA SER C 47 1.40 9.90 19.70
C SER C 47 2.70 9.17 19.98
N HIS C 48 3.34 8.62 18.95
CA HIS C 48 4.62 7.95 19.13
C HIS C 48 5.80 8.92 19.23
N ILE C 49 5.56 10.21 19.03
CA ILE C 49 6.62 11.20 19.16
C ILE C 49 6.77 11.57 20.63
N PRO C 50 7.97 11.47 21.20
CA PRO C 50 8.15 11.63 22.66
C PRO C 50 8.17 13.08 23.13
N THR C 51 7.00 13.72 23.09
CA THR C 51 6.80 15.01 23.73
C THR C 51 5.69 14.87 24.77
N ALA C 52 5.71 15.77 25.76
CA ALA C 52 4.73 15.75 26.84
C ALA C 52 3.44 16.45 26.41
N VAL C 53 2.87 15.95 25.30
CA VAL C 53 1.63 16.46 24.74
C VAL C 53 0.74 15.27 24.43
N LYS C 54 -0.29 15.06 25.24
CA LYS C 54 -1.23 13.99 24.99
C LYS C 54 -2.07 14.29 23.75
N ILE C 55 -2.23 13.30 22.89
CA ILE C 55 -2.94 13.48 21.63
C ILE C 55 -3.91 12.32 21.41
N LYS C 56 -5.13 12.64 20.99
CA LYS C 56 -6.15 11.67 20.65
C LYS C 56 -6.82 12.11 19.35
N GLY C 57 -7.32 11.13 18.60
CA GLY C 57 -7.92 11.39 17.30
C GLY C 57 -9.33 10.85 17.23
N PHE C 58 -10.18 11.58 16.50
CA PHE C 58 -11.60 11.26 16.44
C PHE C 58 -12.11 11.41 15.02
N SER C 59 -13.05 10.56 14.65
CA SER C 59 -13.70 10.60 13.34
CA SER C 59 -13.70 10.62 13.34
C SER C 59 -15.20 10.61 13.55
N GLY C 60 -15.95 10.26 12.50
CA GLY C 60 -17.38 10.30 12.56
C GLY C 60 -17.91 11.72 12.38
N GLU C 61 -19.18 11.89 12.72
CA GLU C 61 -19.85 13.16 12.54
C GLU C 61 -19.81 14.06 13.77
N ASP C 62 -19.39 13.54 14.92
CA ASP C 62 -19.46 14.26 16.18
C ASP C 62 -18.07 14.72 16.57
N ALA C 63 -17.83 16.04 16.50
CA ALA C 63 -16.59 16.62 16.97
C ALA C 63 -16.56 16.86 18.47
N THR C 64 -17.66 16.57 19.17
CA THR C 64 -17.75 16.82 20.61
C THR C 64 -16.64 16.16 21.41
N PRO C 65 -16.28 14.88 21.21
CA PRO C 65 -15.20 14.31 22.02
C PRO C 65 -13.87 15.00 21.83
N ALA C 66 -13.60 15.55 20.65
CA ALA C 66 -12.36 16.30 20.45
C ALA C 66 -12.45 17.70 21.05
N LEU C 67 -13.66 18.28 21.12
CA LEU C 67 -13.85 19.63 21.59
C LEU C 67 -13.94 19.74 23.11
N GLU C 68 -14.10 18.63 23.82
CA GLU C 68 -14.30 18.67 25.26
C GLU C 68 -13.03 19.19 25.95
N GLY C 69 -13.18 20.25 26.73
CA GLY C 69 -12.07 20.85 27.43
C GLY C 69 -11.11 21.65 26.58
N ALA C 70 -11.43 21.86 25.32
CA ALA C 70 -10.52 22.58 24.42
C ALA C 70 -10.48 24.06 24.77
N ASP C 71 -9.28 24.62 24.78
CA ASP C 71 -9.09 26.06 24.96
C ASP C 71 -8.98 26.77 23.61
N VAL C 72 -8.33 26.16 22.63
CA VAL C 72 -8.21 26.69 21.29
C VAL C 72 -8.78 25.67 20.32
N VAL C 73 -9.60 26.14 19.38
CA VAL C 73 -10.17 25.29 18.33
C VAL C 73 -9.71 25.86 17.00
N LEU C 74 -8.88 25.10 16.28
CA LEU C 74 -8.38 25.48 14.97
C LEU C 74 -9.14 24.69 13.91
N ILE C 75 -9.84 25.40 13.03
CA ILE C 75 -10.68 24.80 12.01
C ILE C 75 -9.97 24.92 10.68
N SER C 76 -9.48 23.81 10.15
CA SER C 76 -8.80 23.78 8.86
C SER C 76 -9.44 22.78 7.90
N ALA C 77 -10.70 22.41 8.12
CA ALA C 77 -11.36 21.43 7.29
C ALA C 77 -11.79 22.05 5.96
N GLY C 78 -11.95 21.20 4.96
CA GLY C 78 -12.40 21.65 3.65
C GLY C 78 -11.42 21.35 2.52
N LEU C 90 -14.77 25.43 -4.22
CA LEU C 90 -14.02 26.34 -3.35
C LEU C 90 -14.89 26.87 -2.23
N PHE C 91 -15.62 27.95 -2.51
CA PHE C 91 -16.53 28.51 -1.51
C PHE C 91 -17.76 27.62 -1.33
N ASN C 92 -18.16 26.89 -2.36
CA ASN C 92 -19.39 26.11 -2.31
C ASN C 92 -19.37 25.10 -1.16
N VAL C 93 -18.32 24.27 -1.11
CA VAL C 93 -18.29 23.18 -0.14
C VAL C 93 -17.77 23.65 1.21
N ASN C 94 -16.79 24.57 1.21
CA ASN C 94 -16.18 24.99 2.46
C ASN C 94 -17.13 25.78 3.34
N ALA C 95 -18.12 26.45 2.74
CA ALA C 95 -19.06 27.24 3.52
C ALA C 95 -19.88 26.36 4.46
N GLY C 96 -20.45 25.26 3.93
CA GLY C 96 -21.21 24.36 4.77
C GLY C 96 -20.37 23.63 5.79
N ILE C 97 -19.10 23.35 5.44
CA ILE C 97 -18.22 22.67 6.38
C ILE C 97 -17.93 23.56 7.58
N VAL C 98 -17.66 24.84 7.35
CA VAL C 98 -17.39 25.76 8.44
C VAL C 98 -18.64 25.96 9.29
N LYS C 99 -19.80 26.12 8.63
CA LYS C 99 -21.04 26.34 9.37
C LYS C 99 -21.36 25.17 10.30
N ASN C 100 -21.18 23.94 9.82
CA ASN C 100 -21.47 22.77 10.64
C ASN C 100 -20.51 22.67 11.81
N LEU C 101 -19.20 22.84 11.55
CA LEU C 101 -18.21 22.66 12.60
C LEU C 101 -18.33 23.74 13.67
N VAL C 102 -18.56 24.98 13.27
CA VAL C 102 -18.73 26.05 14.24
C VAL C 102 -19.99 25.82 15.08
N GLN C 103 -21.04 25.28 14.46
CA GLN C 103 -22.23 24.90 15.22
C GLN C 103 -21.89 23.87 16.30
N GLN C 104 -20.98 22.94 15.98
CA GLN C 104 -20.57 21.96 16.97
C GLN C 104 -19.74 22.59 18.08
N VAL C 105 -18.88 23.55 17.72
CA VAL C 105 -18.10 24.27 18.73
C VAL C 105 -19.02 25.10 19.62
N ALA C 106 -20.10 25.64 19.05
CA ALA C 106 -21.00 26.48 19.83
C ALA C 106 -21.74 25.68 20.88
N LYS C 107 -22.14 24.45 20.57
CA LYS C 107 -22.91 23.63 21.51
C LYS C 107 -22.04 23.01 22.59
N THR C 108 -20.72 22.99 22.41
CA THR C 108 -19.83 22.26 23.31
C THR C 108 -19.07 23.21 24.23
N CYS C 109 -18.09 23.96 23.71
CA CYS C 109 -17.26 24.86 24.51
C CYS C 109 -17.42 26.27 23.98
N PRO C 110 -18.38 27.04 24.52
CA PRO C 110 -18.64 28.39 23.98
C PRO C 110 -17.56 29.41 24.31
N LYS C 111 -16.63 29.09 25.22
CA LYS C 111 -15.64 30.05 25.68
C LYS C 111 -14.27 29.83 25.07
N ALA C 112 -14.15 28.90 24.12
CA ALA C 112 -12.86 28.63 23.50
C ALA C 112 -12.53 29.67 22.45
N CYS C 113 -11.23 29.88 22.23
CA CYS C 113 -10.77 30.70 21.12
C CYS C 113 -10.86 29.89 19.83
N ILE C 114 -11.43 30.49 18.79
CA ILE C 114 -11.68 29.81 17.53
C ILE C 114 -10.83 30.46 16.45
N GLY C 115 -9.96 29.68 15.83
CA GLY C 115 -9.17 30.15 14.72
C GLY C 115 -9.60 29.50 13.42
N ILE C 116 -10.05 30.32 12.46
CA ILE C 116 -10.55 29.83 11.19
C ILE C 116 -9.41 29.86 10.17
N ILE C 117 -9.07 28.68 9.65
CA ILE C 117 -8.01 28.55 8.65
C ILE C 117 -8.65 28.30 7.30
N THR C 118 -9.80 27.63 7.31
CA THR C 118 -10.52 27.31 6.07
C THR C 118 -10.76 28.55 5.24
N ASN C 119 -10.42 28.46 3.96
CA ASN C 119 -10.56 29.55 3.02
C ASN C 119 -11.87 29.46 2.26
N PRO C 120 -12.41 30.58 1.76
CA PRO C 120 -11.88 31.95 1.87
C PRO C 120 -12.14 32.58 3.25
N VAL C 121 -11.05 32.92 3.94
CA VAL C 121 -11.13 33.38 5.32
C VAL C 121 -11.95 34.66 5.43
N ASN C 122 -11.84 35.53 4.42
CA ASN C 122 -12.63 36.77 4.41
C ASN C 122 -14.12 36.49 4.59
N THR C 123 -14.58 35.36 4.06
CA THR C 123 -15.99 34.98 4.10
C THR C 123 -16.30 33.98 5.21
N THR C 124 -15.44 32.97 5.41
CA THR C 124 -15.74 31.91 6.36
C THR C 124 -15.75 32.41 7.80
N VAL C 125 -14.97 33.46 8.10
CA VAL C 125 -15.00 34.03 9.44
C VAL C 125 -16.34 34.71 9.69
N ALA C 126 -16.88 35.39 8.68
CA ALA C 126 -18.22 35.96 8.81
C ALA C 126 -19.26 34.86 8.99
N ILE C 127 -19.06 33.72 8.34
CA ILE C 127 -19.94 32.56 8.55
C ILE C 127 -19.88 32.12 10.01
N ALA C 128 -18.67 32.00 10.54
CA ALA C 128 -18.50 31.54 11.92
C ALA C 128 -19.15 32.50 12.90
N ALA C 129 -19.02 33.80 12.66
CA ALA C 129 -19.57 34.80 13.57
C ALA C 129 -21.09 34.71 13.62
N GLU C 130 -21.74 34.63 12.44
CA GLU C 130 -23.19 34.58 12.41
C GLU C 130 -23.73 33.28 13.01
N VAL C 131 -22.99 32.18 12.86
CA VAL C 131 -23.42 30.92 13.47
C VAL C 131 -23.36 31.04 14.99
N LEU C 132 -22.30 31.63 15.53
CA LEU C 132 -22.18 31.79 16.97
C LEU C 132 -23.14 32.82 17.52
N LYS C 133 -23.52 33.83 16.71
CA LYS C 133 -24.54 34.77 17.14
C LYS C 133 -25.91 34.09 17.23
N LYS C 134 -26.24 33.26 16.24
CA LYS C 134 -27.49 32.52 16.29
C LYS C 134 -27.53 31.58 17.50
N ALA C 135 -26.38 31.06 17.91
CA ALA C 135 -26.29 30.23 19.10
C ALA C 135 -26.25 31.05 20.38
N GLY C 136 -26.10 32.37 20.29
CA GLY C 136 -26.07 33.22 21.46
C GLY C 136 -24.81 33.16 22.28
N VAL C 137 -23.71 32.63 21.71
CA VAL C 137 -22.46 32.46 22.43
C VAL C 137 -21.32 33.22 21.77
N TYR C 138 -21.62 34.16 20.88
CA TYR C 138 -20.58 34.85 20.13
C TYR C 138 -19.77 35.79 21.04
N ASP C 139 -18.46 35.78 20.85
CA ASP C 139 -17.55 36.72 21.51
C ASP C 139 -16.56 37.18 20.45
N LYS C 140 -16.67 38.44 20.03
CA LYS C 140 -15.82 38.94 18.95
C LYS C 140 -14.35 38.96 19.33
N ASN C 141 -14.03 38.86 20.62
CA ASN C 141 -12.64 38.80 21.06
C ASN C 141 -12.05 37.40 20.98
N LYS C 142 -12.82 36.42 20.58
CA LYS C 142 -12.38 35.03 20.60
C LYS C 142 -12.46 34.34 19.25
N LEU C 143 -12.83 35.03 18.17
CA LEU C 143 -12.92 34.45 16.84
C LEU C 143 -11.87 35.12 15.96
N PHE C 144 -10.99 34.31 15.37
CA PHE C 144 -9.87 34.82 14.59
C PHE C 144 -9.85 34.21 13.20
N GLY C 145 -9.61 35.05 12.20
CA GLY C 145 -9.24 34.56 10.88
C GLY C 145 -7.74 34.51 10.76
N VAL C 146 -7.18 33.32 10.56
CA VAL C 146 -5.74 33.13 10.59
C VAL C 146 -5.16 33.66 9.29
N THR C 147 -4.54 34.84 9.34
CA THR C 147 -3.90 35.47 8.19
C THR C 147 -2.38 35.38 8.24
N THR C 148 -1.84 34.54 9.14
CA THR C 148 -0.41 34.56 9.41
C THR C 148 0.41 34.19 8.19
N LEU C 149 -0.16 33.43 7.25
CA LEU C 149 0.59 33.05 6.06
C LEU C 149 0.99 34.27 5.24
N ASP C 150 0.17 35.32 5.26
CA ASP C 150 0.55 36.55 4.57
C ASP C 150 1.73 37.23 5.24
N ILE C 151 1.86 37.11 6.55
CA ILE C 151 2.96 37.75 7.26
C ILE C 151 4.27 37.02 6.97
N ILE C 152 4.28 35.69 7.13
CA ILE C 152 5.52 34.94 6.97
C ILE C 152 5.98 34.94 5.51
N ARG C 153 5.04 34.99 4.57
CA ARG C 153 5.42 35.17 3.17
C ARG C 153 6.10 36.52 2.95
N SER C 154 5.49 37.58 3.49
CA SER C 154 6.07 38.91 3.34
C SER C 154 7.42 39.01 4.01
N ASN C 155 7.57 38.40 5.19
CA ASN C 155 8.88 38.34 5.84
C ASN C 155 9.90 37.66 4.95
N THR C 156 9.51 36.56 4.31
CA THR C 156 10.43 35.85 3.42
C THR C 156 10.82 36.74 2.23
N PHE C 157 9.83 37.32 1.56
CA PHE C 157 10.11 38.07 0.33
C PHE C 157 10.92 39.34 0.63
N VAL C 158 10.62 40.02 1.74
CA VAL C 158 11.36 41.22 2.08
C VAL C 158 12.80 40.89 2.41
N ALA C 159 13.02 39.83 3.20
CA ALA C 159 14.38 39.46 3.58
C ALA C 159 15.21 39.03 2.38
N GLU C 160 14.59 38.34 1.41
CA GLU C 160 15.31 37.95 0.21
C GLU C 160 15.72 39.16 -0.62
N LEU C 161 14.79 40.10 -0.79
CA LEU C 161 15.07 41.28 -1.61
C LEU C 161 16.15 42.16 -0.97
N LYS C 162 16.12 42.28 0.36
CA LYS C 162 16.98 43.23 1.06
C LYS C 162 18.19 42.58 1.72
N GLY C 163 18.41 41.29 1.48
CA GLY C 163 19.56 40.60 2.05
C GLY C 163 19.58 40.56 3.56
N LYS C 164 18.43 40.31 4.18
CA LYS C 164 18.31 40.25 5.63
C LYS C 164 18.10 38.81 6.08
N GLN C 165 18.32 38.56 7.36
CA GLN C 165 18.03 37.26 7.94
C GLN C 165 16.51 37.06 7.97
N PRO C 166 15.99 35.99 7.40
CA PRO C 166 14.53 35.85 7.29
C PRO C 166 13.80 35.86 8.62
N GLY C 167 14.43 35.34 9.69
CA GLY C 167 13.77 35.30 10.98
C GLY C 167 13.71 36.65 11.67
N GLU C 168 14.52 37.62 11.24
CA GLU C 168 14.62 38.91 11.90
C GLU C 168 13.78 39.99 11.24
N VAL C 169 13.07 39.67 10.15
CA VAL C 169 12.22 40.63 9.46
C VAL C 169 10.78 40.33 9.79
N GLU C 170 10.03 41.37 10.20
CA GLU C 170 8.62 41.24 10.51
C GLU C 170 7.87 42.35 9.78
N VAL C 171 6.94 41.96 8.92
CA VAL C 171 6.16 42.88 8.09
C VAL C 171 4.73 42.88 8.60
N PRO C 172 4.16 44.03 8.95
CA PRO C 172 2.73 44.09 9.26
C PRO C 172 1.91 43.94 7.99
N VAL C 173 0.81 43.18 8.10
CA VAL C 173 -0.10 42.92 6.98
C VAL C 173 -1.51 43.09 7.50
N ILE C 174 -2.28 43.98 6.87
CA ILE C 174 -3.62 44.33 7.34
C ILE C 174 -4.63 44.06 6.22
N GLY C 175 -5.90 44.09 6.60
CA GLY C 175 -6.99 43.97 5.64
C GLY C 175 -7.61 42.59 5.59
N GLY C 176 -7.48 41.92 4.44
CA GLY C 176 -8.05 40.61 4.25
C GLY C 176 -7.01 39.56 3.94
N HIS C 177 -7.47 38.37 3.53
CA HIS C 177 -6.58 37.23 3.29
C HIS C 177 -6.57 36.78 1.84
N SER C 178 -7.13 37.56 0.92
CA SER C 178 -7.24 37.13 -0.47
C SER C 178 -7.02 38.31 -1.41
N GLY C 179 -6.10 38.13 -2.36
CA GLY C 179 -5.97 39.05 -3.47
C GLY C 179 -5.65 40.48 -3.03
N VAL C 180 -6.41 41.43 -3.58
CA VAL C 180 -6.17 42.85 -3.33
C VAL C 180 -6.51 43.26 -1.91
N THR C 181 -7.13 42.39 -1.11
CA THR C 181 -7.42 42.71 0.28
C THR C 181 -6.22 42.46 1.19
N ILE C 182 -5.17 41.83 0.69
CA ILE C 182 -3.94 41.65 1.46
C ILE C 182 -3.10 42.92 1.30
N LEU C 183 -2.87 43.62 2.41
CA LEU C 183 -2.16 44.91 2.40
C LEU C 183 -0.93 44.81 3.28
N PRO C 184 0.23 44.46 2.73
CA PRO C 184 1.47 44.49 3.51
C PRO C 184 1.95 45.92 3.70
N LEU C 185 2.09 46.32 4.97
CA LEU C 185 2.53 47.68 5.31
C LEU C 185 4.06 47.73 5.25
N LEU C 186 4.57 47.78 4.01
CA LEU C 186 6.01 47.78 3.79
C LEU C 186 6.68 49.04 4.34
N SER C 187 5.93 50.12 4.52
CA SER C 187 6.49 51.35 5.05
C SER C 187 6.82 51.28 6.53
N GLN C 188 6.40 50.23 7.23
CA GLN C 188 6.61 50.12 8.67
C GLN C 188 7.59 49.01 9.04
N VAL C 189 8.32 48.46 8.08
CA VAL C 189 9.35 47.46 8.36
C VAL C 189 10.55 48.19 8.98
N PRO C 190 10.98 47.79 10.17
CA PRO C 190 12.08 48.52 10.83
C PRO C 190 13.39 48.36 10.08
N GLY C 191 14.08 49.49 9.89
CA GLY C 191 15.40 49.49 9.30
C GLY C 191 15.47 49.25 7.80
N VAL C 192 14.33 49.15 7.13
CA VAL C 192 14.29 48.85 5.70
C VAL C 192 13.45 49.90 5.00
N SER C 193 13.96 50.38 3.86
CA SER C 193 13.23 51.30 3.00
C SER C 193 13.11 50.69 1.60
N PHE C 194 12.00 51.00 0.92
CA PHE C 194 11.70 50.45 -0.38
C PHE C 194 11.45 51.57 -1.37
N THR C 195 11.86 51.36 -2.62
CA THR C 195 11.45 52.26 -3.69
C THR C 195 10.01 51.94 -4.09
N GLU C 196 9.41 52.87 -4.83
CA GLU C 196 8.02 52.67 -5.26
C GLU C 196 7.88 51.47 -6.19
N GLN C 197 8.94 51.17 -6.95
CA GLN C 197 8.92 49.97 -7.78
C GLN C 197 8.98 48.71 -6.92
N GLU C 198 9.83 48.70 -5.89
CA GLU C 198 9.92 47.55 -5.02
C GLU C 198 8.64 47.35 -4.23
N VAL C 199 8.01 48.44 -3.80
CA VAL C 199 6.72 48.32 -3.10
C VAL C 199 5.68 47.68 -4.00
N ALA C 200 5.62 48.12 -5.26
CA ALA C 200 4.65 47.58 -6.20
C ALA C 200 4.91 46.10 -6.48
N ASP C 201 6.19 45.74 -6.65
CA ASP C 201 6.52 44.34 -6.95
C ASP C 201 6.24 43.45 -5.74
N LEU C 202 6.65 43.88 -4.55
CA LEU C 202 6.47 43.06 -3.35
C LEU C 202 5.00 42.84 -3.05
N THR C 203 4.20 43.92 -3.09
CA THR C 203 2.77 43.79 -2.84
C THR C 203 2.11 42.85 -3.84
N LYS C 204 2.48 42.99 -5.13
CA LYS C 204 1.94 42.10 -6.16
C LYS C 204 2.24 40.64 -5.82
N ARG C 205 3.49 40.34 -5.43
CA ARG C 205 3.86 38.97 -5.16
C ARG C 205 3.15 38.43 -3.93
N ILE C 206 3.06 39.23 -2.86
CA ILE C 206 2.39 38.78 -1.65
C ILE C 206 0.92 38.51 -1.92
N GLN C 207 0.27 39.39 -2.67
CA GLN C 207 -1.15 39.21 -2.97
C GLN C 207 -1.41 38.01 -3.87
N ASN C 208 -0.40 37.53 -4.60
CA ASN C 208 -0.56 36.42 -5.53
C ASN C 208 0.30 35.23 -5.17
N ALA C 209 0.81 35.17 -3.92
CA ALA C 209 1.72 34.09 -3.54
C ALA C 209 1.01 32.74 -3.51
N GLY C 210 -0.29 32.72 -3.17
CA GLY C 210 -1.01 31.46 -3.23
C GLY C 210 -1.07 30.88 -4.63
N THR C 211 -1.33 31.73 -5.62
CA THR C 211 -1.30 31.29 -7.02
C THR C 211 0.08 30.78 -7.42
N GLU C 212 1.13 31.35 -6.82
CA GLU C 212 2.48 30.91 -7.11
C GLU C 212 2.68 29.45 -6.72
N VAL C 213 2.06 29.01 -5.63
CA VAL C 213 2.20 27.62 -5.20
C VAL C 213 1.32 26.71 -6.05
N VAL C 214 0.09 27.13 -6.35
CA VAL C 214 -0.81 26.32 -7.16
C VAL C 214 -0.21 26.06 -8.54
N GLU C 215 0.46 27.07 -9.11
CA GLU C 215 1.05 26.90 -10.42
C GLU C 215 2.32 26.07 -10.37
N ALA C 216 3.09 26.15 -9.29
CA ALA C 216 4.29 25.33 -9.17
C ALA C 216 3.95 23.88 -8.93
N LYS C 217 2.85 23.60 -8.22
CA LYS C 217 2.43 22.23 -7.93
C LYS C 217 1.71 21.57 -9.09
N ALA C 218 1.95 22.02 -10.32
CA ALA C 218 1.33 21.46 -11.53
C ALA C 218 -0.19 21.49 -11.46
N GLY C 219 -0.74 22.45 -10.71
CA GLY C 219 -2.17 22.59 -10.56
C GLY C 219 -2.82 21.61 -9.59
N GLY C 220 -2.14 20.53 -9.22
CA GLY C 220 -2.70 19.55 -8.33
C GLY C 220 -2.27 19.71 -6.89
N GLY C 221 -2.59 20.85 -6.30
CA GLY C 221 -2.27 21.12 -4.92
C GLY C 221 -2.00 22.60 -4.69
N SER C 222 -2.19 23.01 -3.43
CA SER C 222 -1.91 24.38 -3.03
C SER C 222 -1.01 24.40 -1.81
N ALA C 223 -0.85 25.57 -1.19
CA ALA C 223 -0.01 25.68 -0.01
C ALA C 223 -0.62 24.89 1.15
N THR C 224 0.16 23.94 1.67
CA THR C 224 -0.31 23.12 2.78
C THR C 224 0.69 23.17 3.93
N LEU C 225 1.97 22.99 3.63
CA LEU C 225 2.98 22.93 4.68
C LEU C 225 3.26 24.33 5.26
N SER C 226 3.41 25.33 4.39
CA SER C 226 3.62 26.69 4.90
C SER C 226 2.37 27.21 5.59
N MET C 227 1.18 26.84 5.08
CA MET C 227 -0.05 27.21 5.78
C MET C 227 -0.14 26.49 7.12
N GLY C 228 0.32 25.24 7.19
CA GLY C 228 0.39 24.56 8.47
C GLY C 228 1.35 25.23 9.43
N GLN C 229 2.48 25.72 8.90
CA GLN C 229 3.44 26.43 9.75
C GLN C 229 2.90 27.77 10.20
N ALA C 230 2.23 28.50 9.29
CA ALA C 230 1.63 29.78 9.66
C ALA C 230 0.53 29.58 10.71
N ALA C 231 -0.29 28.54 10.55
CA ALA C 231 -1.30 28.24 11.54
C ALA C 231 -0.68 27.83 12.87
N ALA C 232 0.45 27.13 12.82
CA ALA C 232 1.13 26.72 14.04
C ALA C 232 1.69 27.93 14.78
N ARG C 233 2.29 28.88 14.07
CA ARG C 233 2.81 30.08 14.71
C ARG C 233 1.69 30.84 15.42
N PHE C 234 0.54 30.99 14.77
CA PHE C 234 -0.57 31.69 15.40
C PHE C 234 -1.11 30.90 16.59
N GLY C 235 -1.30 29.60 16.42
CA GLY C 235 -1.80 28.78 17.52
C GLY C 235 -0.90 28.83 18.74
N LEU C 236 0.42 28.77 18.52
CA LEU C 236 1.35 28.83 19.64
C LEU C 236 1.38 30.21 20.27
N SER C 237 1.22 31.27 19.47
CA SER C 237 1.14 32.61 20.02
C SER C 237 -0.11 32.77 20.88
N LEU C 238 -1.23 32.22 20.42
CA LEU C 238 -2.45 32.22 21.22
C LEU C 238 -2.23 31.51 22.55
N VAL C 239 -1.61 30.32 22.50
CA VAL C 239 -1.41 29.52 23.71
C VAL C 239 -0.51 30.25 24.70
N ARG C 240 0.55 30.90 24.21
CA ARG C 240 1.40 31.68 25.08
C ARG C 240 0.60 32.79 25.78
N ALA C 241 -0.26 33.48 25.03
CA ALA C 241 -1.04 34.57 25.61
C ALA C 241 -2.11 34.04 26.56
N LEU C 242 -2.73 32.91 26.23
CA LEU C 242 -3.67 32.30 27.15
C LEU C 242 -2.97 31.83 28.43
N GLN C 243 -1.67 31.54 28.35
CA GLN C 243 -0.91 31.13 29.51
C GLN C 243 -0.31 32.32 30.28
N GLY C 244 -0.79 33.53 30.01
CA GLY C 244 -0.40 34.68 30.80
C GLY C 244 0.77 35.49 30.28
N GLU C 245 1.29 35.16 29.10
CA GLU C 245 2.38 35.96 28.54
C GLU C 245 1.86 37.30 28.07
N GLN C 246 2.61 38.35 28.38
CA GLN C 246 2.28 39.72 27.99
C GLN C 246 3.11 40.13 26.78
N GLY C 247 2.57 41.09 26.03
CA GLY C 247 3.27 41.58 24.85
C GLY C 247 3.21 40.66 23.65
N VAL C 248 2.26 39.73 23.61
CA VAL C 248 2.09 38.86 22.45
C VAL C 248 1.18 39.58 21.46
N VAL C 249 1.77 40.06 20.37
CA VAL C 249 1.04 40.82 19.36
C VAL C 249 1.09 40.06 18.05
N GLU C 250 -0.08 39.69 17.54
CA GLU C 250 -0.20 39.00 16.26
C GLU C 250 -1.33 39.63 15.45
N CYS C 251 -1.20 39.56 14.13
CA CYS C 251 -2.24 40.04 13.23
C CYS C 251 -3.23 38.93 12.94
N ALA C 252 -4.51 39.28 12.92
CA ALA C 252 -5.56 38.31 12.62
C ALA C 252 -6.81 39.04 12.17
N TYR C 253 -7.61 38.34 11.37
CA TYR C 253 -8.85 38.87 10.79
C TYR C 253 -9.97 38.73 11.81
N VAL C 254 -10.34 39.84 12.44
CA VAL C 254 -11.31 39.82 13.54
C VAL C 254 -12.40 40.87 13.29
N GLU C 255 -13.50 40.73 14.02
CA GLU C 255 -14.53 41.75 14.06
C GLU C 255 -14.07 42.86 15.01
N GLY C 256 -13.84 44.05 14.46
CA GLY C 256 -13.33 45.16 15.24
C GLY C 256 -14.30 46.31 15.39
N ASP C 257 -13.79 47.54 15.36
CA ASP C 257 -14.64 48.72 15.47
C ASP C 257 -15.40 49.03 14.18
N GLY C 258 -15.07 48.37 13.07
CA GLY C 258 -15.78 48.59 11.84
C GLY C 258 -15.43 49.88 11.12
N GLN C 259 -14.27 50.46 11.39
CA GLN C 259 -13.89 51.69 10.72
C GLN C 259 -13.74 51.48 9.22
N TYR C 260 -13.16 50.35 8.81
CA TYR C 260 -12.96 50.01 7.42
C TYR C 260 -13.93 48.94 6.93
N ALA C 261 -14.05 47.83 7.66
CA ALA C 261 -15.03 46.81 7.38
C ALA C 261 -15.40 46.12 8.69
N ARG C 262 -16.52 45.41 8.69
CA ARG C 262 -16.96 44.73 9.91
C ARG C 262 -15.88 43.81 10.44
N PHE C 263 -15.29 43.01 9.55
CA PHE C 263 -14.10 42.22 9.86
C PHE C 263 -12.91 42.84 9.15
N PHE C 264 -11.77 42.83 9.82
CA PHE C 264 -10.56 43.47 9.32
C PHE C 264 -9.36 42.91 10.07
N SER C 265 -8.28 42.64 9.35
CA SER C 265 -7.08 42.11 9.95
C SER C 265 -6.22 43.26 10.47
N GLN C 266 -6.01 43.30 11.78
CA GLN C 266 -5.22 44.29 12.47
C GLN C 266 -4.22 43.60 13.38
N PRO C 267 -3.17 44.29 13.80
CA PRO C 267 -2.34 43.76 14.89
C PRO C 267 -3.12 43.74 16.19
N LEU C 268 -3.03 42.63 16.92
CA LEU C 268 -3.83 42.42 18.12
C LEU C 268 -2.93 42.02 19.28
N LEU C 269 -3.06 42.74 20.39
CA LEU C 269 -2.50 42.27 21.65
C LEU C 269 -3.39 41.15 22.18
N LEU C 270 -2.83 39.95 22.30
CA LEU C 270 -3.57 38.80 22.77
C LEU C 270 -3.45 38.68 24.28
N GLY C 271 -4.47 38.10 24.90
CA GLY C 271 -4.50 37.92 26.33
C GLY C 271 -5.07 36.58 26.75
N LYS C 272 -5.41 36.45 28.03
CA LYS C 272 -5.93 35.18 28.55
C LYS C 272 -7.37 34.91 28.12
N ASN C 273 -8.03 35.84 27.43
CA ASN C 273 -9.39 35.65 26.96
C ASN C 273 -9.52 35.85 25.45
N GLY C 274 -8.41 35.75 24.73
CA GLY C 274 -8.40 36.04 23.31
C GLY C 274 -7.77 37.40 23.03
N VAL C 275 -8.48 38.27 22.30
CA VAL C 275 -8.00 39.61 22.04
C VAL C 275 -8.07 40.43 23.32
N GLU C 276 -6.94 41.00 23.72
CA GLU C 276 -6.92 41.95 24.83
C GLU C 276 -7.17 43.37 24.36
N GLU C 277 -6.53 43.78 23.27
CA GLU C 277 -6.70 45.12 22.74
C GLU C 277 -6.41 45.11 21.24
N ARG C 278 -7.29 45.74 20.47
CA ARG C 278 -7.06 45.91 19.04
C ARG C 278 -6.20 47.16 18.82
N LYS C 279 -5.07 46.99 18.14
CA LYS C 279 -4.12 48.07 17.97
C LYS C 279 -4.40 48.82 16.68
N SER C 280 -3.89 50.04 16.61
CA SER C 280 -4.02 50.83 15.40
C SER C 280 -3.15 50.26 14.30
N ILE C 281 -3.59 50.47 13.05
CA ILE C 281 -2.78 50.07 11.90
C ILE C 281 -1.60 51.01 11.65
N GLY C 282 -1.48 52.09 12.41
CA GLY C 282 -0.37 52.98 12.28
C GLY C 282 -0.55 53.98 11.14
N THR C 283 0.56 54.62 10.79
CA THR C 283 0.59 55.56 9.68
C THR C 283 0.88 54.82 8.38
N LEU C 284 0.07 55.07 7.36
CA LEU C 284 0.16 54.38 6.09
C LEU C 284 0.75 55.30 5.03
N SER C 285 1.49 54.71 4.09
CA SER C 285 2.04 55.43 2.95
C SER C 285 0.93 55.91 2.04
N ALA C 286 1.26 56.71 1.01
CA ALA C 286 0.26 57.03 0.00
C ALA C 286 -0.16 55.77 -0.76
N PHE C 287 0.79 54.89 -1.06
CA PHE C 287 0.47 53.63 -1.72
C PHE C 287 -0.44 52.77 -0.87
N GLU C 288 -0.12 52.64 0.43
CA GLU C 288 -0.92 51.78 1.31
C GLU C 288 -2.30 52.37 1.57
N GLN C 289 -2.42 53.70 1.58
CA GLN C 289 -3.73 54.32 1.74
C GLN C 289 -4.61 54.04 0.52
N ASN C 290 -4.08 54.25 -0.69
CA ASN C 290 -4.85 53.99 -1.90
C ASN C 290 -5.18 52.51 -2.03
N ALA C 291 -4.27 51.64 -1.61
CA ALA C 291 -4.56 50.21 -1.62
C ALA C 291 -5.64 49.85 -0.62
N LEU C 292 -5.60 50.46 0.57
CA LEU C 292 -6.64 50.23 1.56
C LEU C 292 -8.01 50.67 1.05
N GLU C 293 -8.09 51.89 0.52
CA GLU C 293 -9.35 52.39 -0.03
C GLU C 293 -9.83 51.53 -1.19
N GLY C 294 -8.90 51.08 -2.04
CA GLY C 294 -9.27 50.40 -3.28
C GLY C 294 -9.80 49.00 -3.10
N MET C 295 -9.67 48.41 -1.92
CA MET C 295 -10.08 47.03 -1.68
C MET C 295 -11.25 46.91 -0.72
N LEU C 296 -11.71 48.02 -0.13
CA LEU C 296 -12.73 47.92 0.90
C LEU C 296 -14.07 47.44 0.35
N ASP C 297 -14.42 47.86 -0.87
CA ASP C 297 -15.65 47.37 -1.49
C ASP C 297 -15.62 45.85 -1.65
N THR C 298 -14.47 45.31 -2.05
CA THR C 298 -14.36 43.86 -2.21
C THR C 298 -14.42 43.15 -0.88
N LEU C 299 -13.78 43.71 0.15
CA LEU C 299 -13.77 43.07 1.47
C LEU C 299 -15.17 43.03 2.08
N LYS C 300 -15.94 44.11 1.92
CA LYS C 300 -17.28 44.14 2.50
C LYS C 300 -18.23 43.17 1.79
N LYS C 301 -18.05 42.98 0.48
CA LYS C 301 -18.86 41.97 -0.20
C LYS C 301 -18.45 40.56 0.20
N ASP C 302 -17.17 40.36 0.53
CA ASP C 302 -16.74 39.07 1.06
C ASP C 302 -17.44 38.77 2.39
N ILE C 303 -17.56 39.78 3.26
CA ILE C 303 -18.26 39.59 4.52
C ILE C 303 -19.74 39.33 4.29
N ALA C 304 -20.35 40.10 3.39
CA ALA C 304 -21.79 39.96 3.15
C ALA C 304 -22.13 38.56 2.64
N LEU C 305 -21.26 37.99 1.81
CA LEU C 305 -21.52 36.65 1.31
C LEU C 305 -21.56 35.63 2.44
N GLY C 306 -20.66 35.77 3.41
CA GLY C 306 -20.69 34.88 4.56
C GLY C 306 -21.90 35.11 5.45
N GLN C 307 -22.30 36.39 5.61
CA GLN C 307 -23.46 36.70 6.43
C GLN C 307 -24.73 36.13 5.83
N GLU C 308 -24.91 36.27 4.51
CA GLU C 308 -26.14 35.82 3.89
C GLU C 308 -26.23 34.30 3.84
N PHE C 309 -25.09 33.60 3.85
CA PHE C 309 -25.12 32.14 3.82
C PHE C 309 -25.77 31.57 5.08
N VAL C 310 -25.60 32.25 6.23
CA VAL C 310 -26.27 31.82 7.45
C VAL C 310 -27.70 32.36 7.53
N ASN C 311 -28.02 33.42 6.79
CA ASN C 311 -29.35 33.99 6.80
C ASN C 311 -30.00 33.93 5.43
N MET D 1 26.23 23.72 3.55
CA MET D 1 25.60 22.56 4.14
C MET D 1 24.27 22.26 3.46
N LYS D 2 24.24 21.20 2.65
CA LYS D 2 23.09 20.88 1.82
C LYS D 2 22.58 19.48 2.12
N VAL D 3 21.27 19.36 2.34
CA VAL D 3 20.61 18.08 2.53
C VAL D 3 19.69 17.82 1.35
N ALA D 4 19.80 16.64 0.76
CA ALA D 4 18.95 16.21 -0.35
C ALA D 4 18.00 15.12 0.14
N VAL D 5 16.72 15.30 -0.11
CA VAL D 5 15.70 14.32 0.24
C VAL D 5 15.18 13.71 -1.06
N LEU D 6 15.43 12.42 -1.24
CA LEU D 6 14.93 11.67 -2.39
C LEU D 6 13.68 10.91 -1.98
N GLY D 7 12.54 11.29 -2.58
CA GLY D 7 11.25 10.76 -2.17
C GLY D 7 10.52 11.77 -1.31
N ALA D 8 10.57 13.03 -1.71
CA ALA D 8 10.06 14.12 -0.89
C ALA D 8 8.59 14.44 -1.11
N ALA D 9 7.94 13.81 -2.09
CA ALA D 9 6.54 14.09 -2.37
C ALA D 9 5.58 13.25 -1.53
N GLY D 10 6.01 12.09 -1.06
CA GLY D 10 5.15 11.27 -0.24
C GLY D 10 4.93 11.86 1.14
N GLY D 11 4.07 11.20 1.91
CA GLY D 11 3.73 11.69 3.24
C GLY D 11 4.95 11.79 4.15
N ILE D 12 5.83 10.79 4.09
CA ILE D 12 7.03 10.81 4.91
C ILE D 12 7.95 11.95 4.48
N GLY D 13 8.18 12.08 3.18
CA GLY D 13 9.10 13.09 2.68
C GLY D 13 8.63 14.51 2.93
N GLN D 14 7.31 14.73 2.87
CA GLN D 14 6.80 16.08 3.07
C GLN D 14 6.88 16.49 4.54
N ALA D 15 6.57 15.57 5.46
CA ALA D 15 6.76 15.85 6.88
C ALA D 15 8.24 16.04 7.19
N LEU D 16 9.10 15.22 6.58
CA LEU D 16 10.54 15.37 6.75
C LEU D 16 11.01 16.72 6.22
N ALA D 17 10.55 17.10 5.02
CA ALA D 17 10.98 18.36 4.42
C ALA D 17 10.52 19.56 5.24
N LEU D 18 9.31 19.48 5.80
CA LEU D 18 8.81 20.59 6.61
C LEU D 18 9.63 20.76 7.89
N LEU D 19 10.01 19.66 8.52
CA LEU D 19 10.81 19.74 9.74
C LEU D 19 12.24 20.20 9.43
N LEU D 20 12.80 19.75 8.31
CA LEU D 20 14.14 20.19 7.94
C LEU D 20 14.17 21.67 7.59
N LYS D 21 13.16 22.14 6.85
CA LYS D 21 13.11 23.55 6.47
C LYS D 21 13.01 24.46 7.69
N THR D 22 12.35 24.00 8.75
CA THR D 22 12.12 24.82 9.93
C THR D 22 13.14 24.59 11.06
N GLN D 23 14.04 23.61 10.92
CA GLN D 23 14.99 23.30 11.98
CA GLN D 23 14.99 23.30 11.98
C GLN D 23 16.44 23.22 11.53
N LEU D 24 16.71 23.16 10.24
CA LEU D 24 18.10 23.13 9.79
C LEU D 24 18.78 24.46 10.12
N PRO D 25 20.09 24.44 10.40
CA PRO D 25 20.78 25.68 10.79
C PRO D 25 20.75 26.71 9.69
N SER D 26 20.85 27.98 10.09
CA SER D 26 20.85 29.08 9.12
C SER D 26 22.02 28.92 8.16
N GLY D 27 21.75 29.23 6.88
CA GLY D 27 22.74 29.05 5.84
C GLY D 27 22.72 27.71 5.17
N SER D 28 21.92 26.76 5.65
CA SER D 28 21.82 25.44 5.05
C SER D 28 21.00 25.50 3.76
N GLU D 29 21.07 24.43 2.99
CA GLU D 29 20.29 24.28 1.77
C GLU D 29 19.60 22.92 1.77
N LEU D 30 18.38 22.89 1.24
CA LEU D 30 17.57 21.68 1.21
C LEU D 30 17.07 21.48 -0.21
N SER D 31 17.34 20.31 -0.78
CA SER D 31 16.87 19.97 -2.12
C SER D 31 15.91 18.79 -2.03
N LEU D 32 14.79 18.89 -2.73
CA LEU D 32 13.75 17.87 -2.72
C LEU D 32 13.67 17.22 -4.10
N TYR D 33 13.53 15.89 -4.12
CA TYR D 33 13.34 15.18 -5.37
C TYR D 33 12.30 14.07 -5.18
N ASP D 34 11.45 13.91 -6.19
CA ASP D 34 10.56 12.76 -6.30
C ASP D 34 10.05 12.72 -7.73
N ILE D 35 9.56 11.53 -8.13
CA ILE D 35 9.07 11.39 -9.50
C ILE D 35 7.86 12.28 -9.75
N ALA D 36 7.02 12.47 -8.73
CA ALA D 36 5.77 13.21 -8.90
C ALA D 36 6.04 14.65 -9.30
N PRO D 37 5.36 15.18 -10.33
CA PRO D 37 5.61 16.57 -10.74
C PRO D 37 5.19 17.61 -9.72
N VAL D 38 4.54 17.20 -8.62
CA VAL D 38 4.20 18.14 -7.55
C VAL D 38 5.41 18.55 -6.73
N THR D 39 6.54 17.85 -6.89
CA THR D 39 7.69 18.09 -6.03
C THR D 39 8.27 19.50 -6.14
N PRO D 40 8.42 20.11 -7.33
CA PRO D 40 8.85 21.51 -7.35
C PRO D 40 7.93 22.43 -6.57
N GLY D 41 6.62 22.17 -6.62
CA GLY D 41 5.68 23.00 -5.89
C GLY D 41 5.73 22.81 -4.39
N VAL D 42 6.09 21.60 -3.94
CA VAL D 42 6.27 21.36 -2.51
C VAL D 42 7.41 22.22 -1.97
N ALA D 43 8.47 22.39 -2.76
CA ALA D 43 9.57 23.25 -2.34
C ALA D 43 9.16 24.72 -2.34
N VAL D 44 8.40 25.14 -3.37
CA VAL D 44 7.90 26.51 -3.40
C VAL D 44 7.00 26.77 -2.19
N ASP D 45 6.16 25.80 -1.86
CA ASP D 45 5.35 25.87 -0.64
C ASP D 45 6.22 26.14 0.58
N LEU D 46 7.23 25.30 0.77
CA LEU D 46 8.11 25.43 1.93
C LEU D 46 8.97 26.68 1.85
N SER D 47 9.30 27.14 0.64
CA SER D 47 10.18 28.29 0.49
C SER D 47 9.57 29.57 1.03
N HIS D 48 8.25 29.59 1.26
CA HIS D 48 7.60 30.76 1.83
C HIS D 48 7.77 30.87 3.34
N ILE D 49 8.38 29.88 3.97
CA ILE D 49 8.61 29.93 5.42
C ILE D 49 9.88 30.72 5.69
N PRO D 50 9.85 31.72 6.56
CA PRO D 50 11.00 32.65 6.73
C PRO D 50 12.12 32.08 7.60
N THR D 51 12.80 31.05 7.08
CA THR D 51 14.03 30.54 7.68
C THR D 51 15.15 30.66 6.67
N ALA D 52 16.38 30.78 7.17
CA ALA D 52 17.56 30.93 6.32
C ALA D 52 18.00 29.57 5.78
N VAL D 53 17.08 28.92 5.08
CA VAL D 53 17.30 27.62 4.45
C VAL D 53 16.75 27.70 3.04
N LYS D 54 17.65 27.74 2.05
CA LYS D 54 17.21 27.77 0.66
C LYS D 54 16.76 26.38 0.23
N ILE D 55 15.59 26.30 -0.38
CA ILE D 55 14.98 25.03 -0.76
C ILE D 55 14.59 25.06 -2.22
N LYS D 56 14.82 23.95 -2.91
CA LYS D 56 14.49 23.81 -4.33
C LYS D 56 14.03 22.38 -4.57
N GLY D 57 13.06 22.23 -5.47
CA GLY D 57 12.45 20.94 -5.74
C GLY D 57 12.65 20.52 -7.18
N PHE D 58 12.70 19.20 -7.39
CA PHE D 58 12.92 18.61 -8.71
C PHE D 58 12.03 17.39 -8.89
N SER D 59 11.63 17.15 -10.13
CA SER D 59 10.79 16.00 -10.45
CA SER D 59 10.78 16.01 -10.47
C SER D 59 11.35 15.31 -11.69
N GLY D 60 10.75 14.18 -12.04
CA GLY D 60 11.16 13.41 -13.19
C GLY D 60 11.97 12.19 -12.82
N GLU D 61 12.65 11.65 -13.83
CA GLU D 61 13.44 10.43 -13.69
C GLU D 61 14.85 10.67 -13.19
N ASP D 62 15.33 11.91 -13.19
CA ASP D 62 16.71 12.23 -12.88
C ASP D 62 16.79 12.98 -11.57
N ALA D 63 17.47 12.39 -10.58
CA ALA D 63 17.69 13.03 -9.29
C ALA D 63 19.00 13.79 -9.23
N THR D 64 19.79 13.79 -10.31
CA THR D 64 21.09 14.46 -10.32
C THR D 64 21.02 15.93 -9.91
N PRO D 65 20.10 16.76 -10.43
CA PRO D 65 20.12 18.18 -10.03
C PRO D 65 19.90 18.39 -8.54
N ALA D 66 19.11 17.53 -7.89
CA ALA D 66 18.89 17.67 -6.46
C ALA D 66 20.10 17.24 -5.66
N LEU D 67 20.91 16.34 -6.20
CA LEU D 67 22.05 15.77 -5.48
C LEU D 67 23.31 16.63 -5.57
N GLU D 68 23.35 17.62 -6.46
CA GLU D 68 24.55 18.41 -6.68
C GLU D 68 24.97 19.10 -5.38
N GLY D 69 26.20 18.83 -4.94
CA GLY D 69 26.74 19.45 -3.75
C GLY D 69 26.13 18.98 -2.45
N ALA D 70 25.40 17.87 -2.45
CA ALA D 70 24.75 17.40 -1.24
C ALA D 70 25.76 16.84 -0.26
N ASP D 71 25.65 17.26 1.00
CA ASP D 71 26.45 16.68 2.07
C ASP D 71 25.76 15.50 2.72
N VAL D 72 24.43 15.51 2.78
CA VAL D 72 23.63 14.43 3.35
C VAL D 72 22.51 14.11 2.39
N VAL D 73 22.31 12.82 2.12
CA VAL D 73 21.25 12.34 1.24
C VAL D 73 20.34 11.44 2.06
N LEU D 74 19.07 11.82 2.19
CA LEU D 74 18.06 11.04 2.88
C LEU D 74 17.11 10.44 1.85
N ILE D 75 17.03 9.12 1.82
CA ILE D 75 16.27 8.40 0.80
C ILE D 75 15.03 7.81 1.47
N SER D 76 13.87 8.43 1.22
CA SER D 76 12.60 7.97 1.76
C SER D 76 11.62 7.56 0.66
N ALA D 77 12.11 7.31 -0.54
CA ALA D 77 11.24 6.96 -1.66
C ALA D 77 10.79 5.51 -1.55
N GLY D 78 9.77 5.17 -2.34
CA GLY D 78 9.25 3.82 -2.37
C GLY D 78 7.98 3.63 -1.56
N LEU D 90 7.27 -5.99 -0.09
CA LEU D 90 7.87 -4.67 0.14
C LEU D 90 9.25 -4.61 -0.50
N PHE D 91 10.07 -5.64 -0.24
CA PHE D 91 11.35 -5.76 -0.93
C PHE D 91 11.13 -5.87 -2.44
N ASN D 92 10.06 -6.54 -2.85
CA ASN D 92 9.78 -6.74 -4.26
C ASN D 92 9.58 -5.41 -4.99
N VAL D 93 9.12 -4.38 -4.30
CA VAL D 93 8.79 -3.11 -4.92
C VAL D 93 9.87 -2.06 -4.67
N ASN D 94 10.51 -2.08 -3.49
CA ASN D 94 11.43 -1.02 -3.11
C ASN D 94 12.88 -1.31 -3.47
N ALA D 95 13.24 -2.57 -3.74
CA ALA D 95 14.63 -2.90 -4.01
C ALA D 95 15.15 -2.16 -5.24
N GLY D 96 14.38 -2.17 -6.32
CA GLY D 96 14.80 -1.46 -7.52
C GLY D 96 14.81 0.05 -7.36
N ILE D 97 13.89 0.58 -6.56
CA ILE D 97 13.86 2.03 -6.32
C ILE D 97 15.09 2.48 -5.54
N VAL D 98 15.45 1.73 -4.50
CA VAL D 98 16.63 2.07 -3.71
C VAL D 98 17.89 1.96 -4.55
N LYS D 99 18.00 0.86 -5.31
CA LYS D 99 19.19 0.66 -6.14
C LYS D 99 19.37 1.77 -7.16
N ASN D 100 18.26 2.19 -7.79
CA ASN D 100 18.35 3.25 -8.79
C ASN D 100 18.81 4.57 -8.17
N LEU D 101 18.30 4.89 -6.99
CA LEU D 101 18.64 6.17 -6.36
C LEU D 101 20.07 6.16 -5.82
N VAL D 102 20.50 5.02 -5.26
CA VAL D 102 21.87 4.96 -4.73
C VAL D 102 22.89 5.02 -5.86
N GLN D 103 22.57 4.43 -7.02
CA GLN D 103 23.44 4.58 -8.19
C GLN D 103 23.58 6.04 -8.57
N GLN D 104 22.49 6.81 -8.48
CA GLN D 104 22.56 8.23 -8.82
C GLN D 104 23.40 9.00 -7.81
N VAL D 105 23.33 8.61 -6.53
CA VAL D 105 24.17 9.26 -5.52
C VAL D 105 25.64 8.92 -5.76
N ALA D 106 25.93 7.69 -6.17
CA ALA D 106 27.31 7.29 -6.40
C ALA D 106 27.94 8.08 -7.55
N LYS D 107 27.17 8.32 -8.62
CA LYS D 107 27.69 9.03 -9.78
C LYS D 107 27.88 10.52 -9.52
N THR D 108 27.22 11.07 -8.50
CA THR D 108 27.18 12.51 -8.28
C THR D 108 28.00 12.90 -7.06
N CYS D 109 27.56 12.53 -5.85
CA CYS D 109 28.24 12.90 -4.61
C CYS D 109 28.64 11.61 -3.89
N PRO D 110 29.78 11.02 -4.23
CA PRO D 110 30.18 9.75 -3.61
C PRO D 110 30.62 9.88 -2.16
N LYS D 111 31.01 11.08 -1.72
CA LYS D 111 31.46 11.30 -0.35
C LYS D 111 30.37 11.81 0.57
N ALA D 112 29.11 11.77 0.13
CA ALA D 112 28.01 12.24 0.96
C ALA D 112 27.60 11.17 1.96
N CYS D 113 27.02 11.63 3.06
CA CYS D 113 26.42 10.71 4.03
C CYS D 113 25.03 10.34 3.57
N ILE D 114 24.72 9.05 3.58
CA ILE D 114 23.47 8.52 3.03
C ILE D 114 22.67 7.91 4.16
N GLY D 115 21.45 8.41 4.35
CA GLY D 115 20.53 7.80 5.30
C GLY D 115 19.40 7.08 4.59
N ILE D 116 19.35 5.76 4.73
CA ILE D 116 18.34 4.95 4.08
C ILE D 116 17.12 4.87 4.99
N ILE D 117 16.00 5.42 4.53
CA ILE D 117 14.74 5.37 5.27
C ILE D 117 13.84 4.31 4.62
N THR D 118 13.98 4.13 3.32
CA THR D 118 13.16 3.17 2.60
C THR D 118 13.28 1.77 3.19
N ASN D 119 12.13 1.13 3.42
CA ASN D 119 12.04 -0.18 4.04
C ASN D 119 11.98 -1.27 2.98
N PRO D 120 12.39 -2.51 3.31
CA PRO D 120 12.93 -2.93 4.62
C PRO D 120 14.38 -2.50 4.82
N VAL D 121 14.61 -1.70 5.87
CA VAL D 121 15.91 -1.11 6.10
C VAL D 121 16.98 -2.19 6.28
N ASN D 122 16.62 -3.29 6.95
CA ASN D 122 17.57 -4.39 7.14
C ASN D 122 18.14 -4.87 5.81
N THR D 123 17.36 -4.77 4.74
CA THR D 123 17.75 -5.24 3.42
C THR D 123 18.19 -4.11 2.49
N THR D 124 17.50 -2.96 2.53
CA THR D 124 17.82 -1.88 1.60
C THR D 124 19.18 -1.26 1.88
N VAL D 125 19.65 -1.33 3.13
CA VAL D 125 20.98 -0.82 3.45
C VAL D 125 22.05 -1.71 2.82
N ALA D 126 21.84 -3.03 2.85
CA ALA D 126 22.77 -3.94 2.18
C ALA D 126 22.74 -3.72 0.67
N ILE D 127 21.57 -3.42 0.10
CA ILE D 127 21.49 -3.07 -1.31
C ILE D 127 22.31 -1.83 -1.59
N ALA D 128 22.16 -0.80 -0.75
CA ALA D 128 22.91 0.44 -0.94
C ALA D 128 24.41 0.21 -0.82
N ALA D 129 24.82 -0.65 0.11
CA ALA D 129 26.25 -0.91 0.29
C ALA D 129 26.85 -1.59 -0.93
N GLU D 130 26.16 -2.59 -1.47
CA GLU D 130 26.69 -3.32 -2.63
C GLU D 130 26.69 -2.46 -3.88
N VAL D 131 25.75 -1.52 -3.99
CA VAL D 131 25.75 -0.60 -5.13
C VAL D 131 26.94 0.36 -5.03
N LEU D 132 27.20 0.90 -3.83
CA LEU D 132 28.34 1.77 -3.64
C LEU D 132 29.65 1.01 -3.87
N LYS D 133 29.69 -0.27 -3.48
CA LYS D 133 30.86 -1.10 -3.74
C LYS D 133 31.10 -1.25 -5.23
N LYS D 134 30.06 -1.61 -5.98
CA LYS D 134 30.18 -1.77 -7.43
C LYS D 134 30.64 -0.48 -8.10
N ALA D 135 30.23 0.67 -7.56
CA ALA D 135 30.70 1.96 -8.06
C ALA D 135 32.09 2.31 -7.53
N GLY D 136 32.61 1.55 -6.57
CA GLY D 136 33.94 1.83 -6.05
C GLY D 136 34.04 3.02 -5.15
N VAL D 137 32.96 3.37 -4.44
CA VAL D 137 32.94 4.57 -3.62
C VAL D 137 32.35 4.26 -2.25
N TYR D 138 32.27 2.99 -1.89
CA TYR D 138 31.64 2.61 -0.63
C TYR D 138 32.50 3.04 0.55
N ASP D 139 31.89 3.77 1.48
CA ASP D 139 32.52 4.16 2.73
C ASP D 139 31.60 3.69 3.86
N LYS D 140 32.04 2.67 4.60
CA LYS D 140 31.21 2.10 5.67
C LYS D 140 30.84 3.11 6.74
N ASN D 141 31.60 4.21 6.86
CA ASN D 141 31.32 5.23 7.85
C ASN D 141 30.28 6.24 7.39
N LYS D 142 29.77 6.13 6.16
CA LYS D 142 28.87 7.14 5.61
C LYS D 142 27.52 6.59 5.20
N LEU D 143 27.22 5.32 5.48
CA LEU D 143 25.97 4.69 5.10
C LEU D 143 25.19 4.33 6.35
N PHE D 144 23.99 4.89 6.48
CA PHE D 144 23.17 4.72 7.67
C PHE D 144 21.79 4.18 7.28
N GLY D 145 21.34 3.17 8.01
CA GLY D 145 19.94 2.82 8.01
C GLY D 145 19.25 3.52 9.16
N VAL D 146 18.23 4.32 8.85
CA VAL D 146 17.60 5.17 9.86
C VAL D 146 16.65 4.30 10.69
N THR D 147 17.04 4.00 11.92
CA THR D 147 16.24 3.23 12.84
C THR D 147 15.61 4.10 13.94
N THR D 148 15.71 5.42 13.81
CA THR D 148 15.37 6.33 14.90
C THR D 148 13.90 6.19 15.33
N LEU D 149 13.01 5.73 14.45
CA LEU D 149 11.62 5.59 14.83
C LEU D 149 11.45 4.59 15.97
N ASP D 150 12.24 3.51 15.97
CA ASP D 150 12.19 2.57 17.08
C ASP D 150 12.63 3.22 18.38
N ILE D 151 13.57 4.16 18.31
CA ILE D 151 14.07 4.81 19.52
C ILE D 151 13.02 5.74 20.10
N ILE D 152 12.45 6.61 19.27
CA ILE D 152 11.50 7.59 19.80
C ILE D 152 10.20 6.91 20.21
N ARG D 153 9.81 5.82 19.54
CA ARG D 153 8.70 5.02 20.02
C ARG D 153 8.99 4.42 21.39
N SER D 154 10.22 3.90 21.56
CA SER D 154 10.60 3.33 22.86
C SER D 154 10.58 4.37 23.96
N ASN D 155 11.11 5.57 23.67
CA ASN D 155 11.08 6.65 24.65
C ASN D 155 9.66 6.99 25.06
N THR D 156 8.74 7.05 24.09
CA THR D 156 7.36 7.40 24.38
C THR D 156 6.71 6.35 25.26
N PHE D 157 6.84 5.07 24.90
CA PHE D 157 6.16 4.02 25.65
C PHE D 157 6.74 3.86 27.05
N VAL D 158 8.06 3.94 27.18
CA VAL D 158 8.69 3.82 28.50
C VAL D 158 8.27 4.97 29.40
N ALA D 159 8.29 6.20 28.86
CA ALA D 159 7.88 7.36 29.65
C ALA D 159 6.42 7.27 30.07
N GLU D 160 5.55 6.84 29.14
CA GLU D 160 4.14 6.71 29.45
C GLU D 160 3.89 5.64 30.51
N LEU D 161 4.58 4.50 30.41
CA LEU D 161 4.40 3.43 31.38
C LEU D 161 4.94 3.83 32.76
N LYS D 162 6.05 4.56 32.80
CA LYS D 162 6.74 4.86 34.04
C LYS D 162 6.45 6.27 34.55
N GLY D 163 5.54 6.99 33.92
CA GLY D 163 5.20 8.33 34.39
C GLY D 163 6.35 9.32 34.33
N LYS D 164 7.21 9.19 33.34
CA LYS D 164 8.37 10.07 33.19
C LYS D 164 8.12 11.08 32.08
N GLN D 165 8.95 12.12 32.06
CA GLN D 165 8.89 13.11 30.99
C GLN D 165 9.43 12.50 29.70
N PRO D 166 8.67 12.51 28.61
CA PRO D 166 9.13 11.78 27.41
C PRO D 166 10.41 12.30 26.82
N GLY D 167 10.70 13.61 26.94
CA GLY D 167 11.93 14.15 26.39
C GLY D 167 13.17 13.79 27.18
N GLU D 168 12.99 13.33 28.42
CA GLU D 168 14.12 13.02 29.31
C GLU D 168 14.40 11.52 29.39
N VAL D 169 13.70 10.71 28.59
CA VAL D 169 13.90 9.27 28.57
C VAL D 169 14.52 8.90 27.23
N GLU D 170 15.67 8.24 27.27
CA GLU D 170 16.36 7.77 26.07
C GLU D 170 16.63 6.28 26.22
N VAL D 171 16.00 5.49 25.37
CA VAL D 171 16.15 4.04 25.38
C VAL D 171 17.07 3.64 24.22
N PRO D 172 18.16 2.92 24.47
CA PRO D 172 18.94 2.37 23.37
C PRO D 172 18.19 1.24 22.68
N VAL D 173 18.23 1.23 21.35
CA VAL D 173 17.62 0.18 20.55
C VAL D 173 18.68 -0.33 19.58
N ILE D 174 18.93 -1.64 19.61
CA ILE D 174 19.97 -2.26 18.82
C ILE D 174 19.36 -3.31 17.90
N GLY D 175 20.17 -3.79 16.97
CA GLY D 175 19.74 -4.86 16.08
C GLY D 175 19.30 -4.40 14.71
N GLY D 176 18.04 -4.66 14.38
CA GLY D 176 17.49 -4.29 13.09
C GLY D 176 16.30 -3.36 13.21
N HIS D 177 15.57 -3.18 12.11
CA HIS D 177 14.47 -2.22 12.04
C HIS D 177 13.12 -2.90 11.80
N SER D 178 13.02 -4.21 12.02
CA SER D 178 11.78 -4.90 11.72
C SER D 178 11.59 -6.10 12.64
N GLY D 179 10.41 -6.18 13.26
CA GLY D 179 10.00 -7.39 13.95
C GLY D 179 10.92 -7.75 15.10
N VAL D 180 11.31 -9.03 15.15
CA VAL D 180 12.15 -9.52 16.24
C VAL D 180 13.56 -8.98 16.21
N THR D 181 13.95 -8.29 15.13
CA THR D 181 15.27 -7.67 15.08
C THR D 181 15.34 -6.36 15.83
N ILE D 182 14.19 -5.78 16.21
CA ILE D 182 14.18 -4.57 17.04
C ILE D 182 14.33 -4.98 18.49
N LEU D 183 15.44 -4.59 19.11
CA LEU D 183 15.75 -4.94 20.50
C LEU D 183 15.99 -3.67 21.31
N PRO D 184 14.97 -3.17 21.98
CA PRO D 184 15.18 -2.02 22.89
C PRO D 184 15.84 -2.49 24.19
N LEU D 185 16.90 -1.80 24.58
CA LEU D 185 17.68 -2.17 25.77
C LEU D 185 17.08 -1.50 27.00
N LEU D 186 15.92 -2.04 27.42
CA LEU D 186 15.19 -1.46 28.55
C LEU D 186 16.00 -1.56 29.84
N SER D 187 16.89 -2.54 29.95
CA SER D 187 17.72 -2.68 31.14
C SER D 187 18.74 -1.56 31.28
N GLN D 188 18.94 -0.75 30.24
CA GLN D 188 19.93 0.32 30.27
C GLN D 188 19.33 1.70 30.43
N VAL D 189 18.01 1.80 30.60
CA VAL D 189 17.36 3.09 30.82
C VAL D 189 17.70 3.56 32.23
N PRO D 190 18.45 4.65 32.39
CA PRO D 190 18.86 5.08 33.72
C PRO D 190 17.67 5.63 34.51
N GLY D 191 17.63 5.28 35.79
CA GLY D 191 16.61 5.78 36.70
C GLY D 191 15.35 4.97 36.77
N VAL D 192 15.15 4.01 35.88
CA VAL D 192 13.95 3.17 35.89
C VAL D 192 14.36 1.70 35.78
N SER D 193 13.52 0.83 36.34
CA SER D 193 13.68 -0.61 36.22
C SER D 193 12.33 -1.22 35.90
N PHE D 194 12.34 -2.33 35.18
CA PHE D 194 11.13 -2.97 34.68
C PHE D 194 11.01 -4.38 35.22
N THR D 195 9.78 -4.79 35.53
CA THR D 195 9.51 -6.18 35.80
C THR D 195 9.62 -6.99 34.51
N GLU D 196 9.71 -8.32 34.65
CA GLU D 196 9.83 -9.16 33.46
C GLU D 196 8.58 -9.09 32.59
N GLN D 197 7.41 -8.93 33.20
CA GLN D 197 6.19 -8.78 32.41
C GLN D 197 6.19 -7.47 31.65
N GLU D 198 6.67 -6.39 32.27
CA GLU D 198 6.74 -5.11 31.59
C GLU D 198 7.71 -5.15 30.42
N VAL D 199 8.82 -5.89 30.58
CA VAL D 199 9.81 -5.99 29.51
C VAL D 199 9.20 -6.68 28.29
N ALA D 200 8.49 -7.79 28.52
CA ALA D 200 7.92 -8.54 27.41
C ALA D 200 6.83 -7.75 26.69
N ASP D 201 5.95 -7.08 27.44
CA ASP D 201 4.89 -6.30 26.82
C ASP D 201 5.45 -5.08 26.10
N LEU D 202 6.39 -4.38 26.73
CA LEU D 202 6.99 -3.21 26.09
C LEU D 202 7.72 -3.60 24.81
N THR D 203 8.48 -4.69 24.85
CA THR D 203 9.20 -5.13 23.67
C THR D 203 8.24 -5.54 22.55
N LYS D 204 7.16 -6.25 22.91
CA LYS D 204 6.17 -6.65 21.91
C LYS D 204 5.51 -5.43 21.27
N ARG D 205 5.20 -4.41 22.08
CA ARG D 205 4.57 -3.22 21.54
C ARG D 205 5.54 -2.43 20.65
N ILE D 206 6.81 -2.37 21.04
CA ILE D 206 7.80 -1.65 20.24
C ILE D 206 8.03 -2.36 18.90
N GLN D 207 8.05 -3.68 18.91
CA GLN D 207 8.28 -4.44 17.69
C GLN D 207 7.07 -4.46 16.76
N ASN D 208 5.90 -4.05 17.23
CA ASN D 208 4.68 -4.06 16.41
C ASN D 208 4.01 -2.70 16.36
N ALA D 209 4.75 -1.63 16.66
CA ALA D 209 4.13 -0.31 16.80
C ALA D 209 3.51 0.17 15.49
N GLY D 210 4.06 -0.23 14.35
CA GLY D 210 3.46 0.14 13.08
C GLY D 210 2.05 -0.40 12.91
N THR D 211 1.76 -1.55 13.51
CA THR D 211 0.42 -2.12 13.41
C THR D 211 -0.59 -1.28 14.18
N GLU D 212 -0.18 -0.70 15.31
CA GLU D 212 -1.04 0.23 16.04
C GLU D 212 -1.56 1.32 15.13
N VAL D 213 -0.68 1.90 14.30
CA VAL D 213 -1.07 3.00 13.44
C VAL D 213 -1.98 2.52 12.33
N VAL D 214 -1.62 1.40 11.69
CA VAL D 214 -2.40 0.89 10.57
C VAL D 214 -3.81 0.54 11.00
N GLU D 215 -3.95 -0.14 12.14
CA GLU D 215 -5.28 -0.54 12.60
C GLU D 215 -6.09 0.68 13.04
N ALA D 216 -5.44 1.67 13.64
CA ALA D 216 -6.15 2.88 14.05
C ALA D 216 -6.59 3.71 12.84
N LYS D 217 -5.85 3.63 11.74
CA LYS D 217 -6.23 4.28 10.50
C LYS D 217 -7.26 3.47 9.71
N ALA D 218 -7.75 2.37 10.26
CA ALA D 218 -8.65 1.45 9.58
C ALA D 218 -8.04 0.96 8.26
N GLY D 219 -6.73 0.73 8.28
CA GLY D 219 -6.02 0.29 7.10
C GLY D 219 -5.84 1.35 6.04
N GLY D 220 -6.13 2.62 6.35
CA GLY D 220 -6.05 3.69 5.40
C GLY D 220 -4.71 4.40 5.28
N GLY D 221 -3.69 3.93 5.99
CA GLY D 221 -2.39 4.55 5.89
C GLY D 221 -1.41 3.95 6.88
N SER D 222 -0.25 4.58 6.99
CA SER D 222 0.78 4.13 7.91
C SER D 222 1.35 5.29 8.72
N ALA D 223 2.38 5.03 9.52
CA ALA D 223 2.97 6.03 10.41
C ALA D 223 3.91 6.92 9.60
N THR D 224 3.32 7.95 8.98
CA THR D 224 4.09 8.88 8.16
C THR D 224 4.64 10.06 8.94
N LEU D 225 3.84 10.63 9.84
CA LEU D 225 4.28 11.82 10.55
C LEU D 225 5.39 11.52 11.55
N SER D 226 5.26 10.41 12.29
CA SER D 226 6.30 10.08 13.26
C SER D 226 7.57 9.58 12.58
N MET D 227 7.44 8.91 11.43
CA MET D 227 8.64 8.56 10.67
C MET D 227 9.33 9.79 10.12
N GLY D 228 8.55 10.80 9.73
CA GLY D 228 9.14 12.06 9.32
C GLY D 228 9.88 12.75 10.46
N GLN D 229 9.31 12.69 11.66
CA GLN D 229 9.99 13.26 12.82
C GLN D 229 11.24 12.47 13.17
N ALA D 230 11.16 11.14 13.10
CA ALA D 230 12.34 10.33 13.37
C ALA D 230 13.44 10.57 12.35
N ALA D 231 13.07 10.64 11.06
CA ALA D 231 14.05 10.93 10.03
C ALA D 231 14.65 12.32 10.21
N ALA D 232 13.81 13.28 10.63
CA ALA D 232 14.32 14.64 10.87
C ALA D 232 15.31 14.66 12.01
N ARG D 233 15.00 13.96 13.11
CA ARG D 233 15.94 13.89 14.23
C ARG D 233 17.28 13.32 13.79
N PHE D 234 17.24 12.25 12.99
CA PHE D 234 18.48 11.64 12.54
C PHE D 234 19.26 12.56 11.61
N GLY D 235 18.58 13.17 10.64
CA GLY D 235 19.26 14.06 9.72
C GLY D 235 19.86 15.28 10.40
N LEU D 236 19.12 15.87 11.34
CA LEU D 236 19.65 17.02 12.08
C LEU D 236 20.82 16.62 12.96
N SER D 237 20.80 15.40 13.50
CA SER D 237 21.97 14.90 14.22
C SER D 237 23.16 14.75 13.30
N LEU D 238 22.93 14.26 12.07
CA LEU D 238 24.01 14.17 11.09
C LEU D 238 24.56 15.55 10.74
N VAL D 239 23.67 16.54 10.59
CA VAL D 239 24.12 17.88 10.23
C VAL D 239 24.88 18.53 11.38
N ARG D 240 24.37 18.36 12.61
CA ARG D 240 25.06 18.88 13.78
C ARG D 240 26.48 18.34 13.86
N ALA D 241 26.64 17.03 13.64
CA ALA D 241 27.97 16.43 13.70
C ALA D 241 28.87 16.90 12.56
N LEU D 242 28.29 17.13 11.38
CA LEU D 242 29.08 17.61 10.26
C LEU D 242 29.59 19.03 10.49
N GLN D 243 28.88 19.81 11.32
CA GLN D 243 29.26 21.19 11.60
C GLN D 243 30.11 21.32 12.86
N GLY D 244 30.56 20.21 13.44
CA GLY D 244 31.53 20.25 14.52
C GLY D 244 30.98 20.02 15.91
N GLU D 245 29.67 19.79 16.06
CA GLU D 245 29.12 19.52 17.39
C GLU D 245 29.68 18.22 17.94
N GLN D 246 30.09 18.25 19.20
CA GLN D 246 30.70 17.10 19.85
C GLN D 246 29.67 16.33 20.67
N GLY D 247 29.97 15.06 20.90
CA GLY D 247 29.12 14.21 21.70
C GLY D 247 27.79 13.83 21.08
N VAL D 248 27.63 14.03 19.77
CA VAL D 248 26.39 13.65 19.09
C VAL D 248 26.39 12.14 18.94
N VAL D 249 25.53 11.47 19.69
CA VAL D 249 25.43 10.01 19.69
C VAL D 249 24.03 9.63 19.20
N GLU D 250 23.99 8.78 18.18
CA GLU D 250 22.73 8.26 17.66
C GLU D 250 22.91 6.80 17.29
N CYS D 251 21.82 6.03 17.40
CA CYS D 251 21.82 4.64 16.96
C CYS D 251 21.38 4.56 15.51
N ALA D 252 22.11 3.79 14.71
CA ALA D 252 21.77 3.61 13.31
C ALA D 252 22.30 2.28 12.82
N TYR D 253 21.65 1.77 11.78
CA TYR D 253 21.97 0.48 11.17
C TYR D 253 23.16 0.66 10.23
N VAL D 254 24.33 0.17 10.63
CA VAL D 254 25.57 0.40 9.88
C VAL D 254 26.35 -0.90 9.77
N GLU D 255 27.27 -0.92 8.80
CA GLU D 255 28.23 -2.01 8.69
C GLU D 255 29.30 -1.84 9.77
N GLY D 256 29.36 -2.78 10.70
CA GLY D 256 30.29 -2.69 11.81
C GLY D 256 31.33 -3.79 11.81
N ASP D 257 31.72 -4.25 13.00
CA ASP D 257 32.73 -5.29 13.13
C ASP D 257 32.21 -6.68 12.78
N GLY D 258 30.90 -6.84 12.60
CA GLY D 258 30.35 -8.12 12.20
C GLY D 258 30.27 -9.16 13.30
N GLN D 259 30.31 -8.75 14.56
CA GLN D 259 30.24 -9.72 15.65
C GLN D 259 28.89 -10.44 15.68
N TYR D 260 27.81 -9.75 15.31
CA TYR D 260 26.49 -10.34 15.28
C TYR D 260 25.95 -10.47 13.86
N ALA D 261 26.10 -9.43 13.04
CA ALA D 261 25.79 -9.49 11.62
C ALA D 261 26.60 -8.41 10.94
N ARG D 262 26.72 -8.53 9.61
CA ARG D 262 27.52 -7.56 8.86
C ARG D 262 27.02 -6.14 9.09
N PHE D 263 25.72 -5.94 9.01
CA PHE D 263 25.08 -4.68 9.38
C PHE D 263 24.35 -4.87 10.70
N PHE D 264 24.44 -3.86 11.57
CA PHE D 264 23.87 -3.96 12.90
C PHE D 264 23.69 -2.56 13.45
N SER D 265 22.55 -2.34 14.11
CA SER D 265 22.25 -1.05 14.72
C SER D 265 22.83 -1.00 16.12
N GLN D 266 23.58 0.06 16.42
CA GLN D 266 24.26 0.23 17.69
C GLN D 266 24.51 1.72 17.90
N PRO D 267 24.82 2.15 19.13
CA PRO D 267 25.15 3.56 19.34
C PRO D 267 26.36 3.99 18.53
N LEU D 268 26.24 5.16 17.90
CA LEU D 268 27.28 5.70 17.04
C LEU D 268 27.63 7.10 17.51
N LEU D 269 28.94 7.36 17.68
CA LEU D 269 29.40 8.73 17.83
C LEU D 269 29.60 9.31 16.45
N LEU D 270 28.91 10.41 16.14
CA LEU D 270 28.89 10.98 14.81
C LEU D 270 29.87 12.15 14.70
N GLY D 271 30.30 12.42 13.48
CA GLY D 271 31.22 13.51 13.23
C GLY D 271 31.32 13.83 11.75
N LYS D 272 32.41 14.49 11.39
CA LYS D 272 32.57 14.99 10.03
C LYS D 272 32.76 13.87 9.00
N ASN D 273 33.26 12.71 9.42
CA ASN D 273 33.43 11.57 8.52
C ASN D 273 32.21 10.66 8.51
N GLY D 274 31.13 11.06 9.14
CA GLY D 274 30.01 10.16 9.39
C GLY D 274 30.14 9.47 10.75
N VAL D 275 30.40 8.16 10.73
CA VAL D 275 30.66 7.44 11.97
C VAL D 275 32.07 7.78 12.45
N GLU D 276 32.17 8.37 13.63
CA GLU D 276 33.48 8.56 14.25
C GLU D 276 33.88 7.36 15.10
N GLU D 277 32.92 6.75 15.79
CA GLU D 277 33.20 5.64 16.68
C GLU D 277 31.95 4.78 16.83
N ARG D 278 32.11 3.48 16.64
CA ARG D 278 31.05 2.53 16.91
C ARG D 278 31.14 2.12 18.38
N LYS D 279 30.12 2.48 19.14
CA LYS D 279 30.14 2.28 20.59
C LYS D 279 29.61 0.91 20.96
N SER D 280 30.07 0.40 22.10
CA SER D 280 29.64 -0.89 22.59
C SER D 280 28.15 -0.87 22.92
N ILE D 281 27.49 -2.01 22.71
CA ILE D 281 26.10 -2.15 23.13
C ILE D 281 25.97 -2.31 24.63
N GLY D 282 27.07 -2.58 25.34
CA GLY D 282 27.06 -2.62 26.78
C GLY D 282 26.53 -3.93 27.35
N THR D 283 26.13 -3.85 28.61
CA THR D 283 25.63 -5.01 29.34
C THR D 283 24.17 -5.27 28.98
N LEU D 284 23.85 -6.52 28.69
CA LEU D 284 22.49 -6.93 28.32
C LEU D 284 21.91 -7.84 29.39
N SER D 285 20.60 -7.69 29.62
CA SER D 285 19.90 -8.53 30.56
C SER D 285 19.66 -9.92 29.96
N ALA D 286 19.12 -10.83 30.78
CA ALA D 286 18.80 -12.17 30.31
C ALA D 286 17.82 -12.13 29.16
N PHE D 287 16.77 -11.30 29.28
CA PHE D 287 15.79 -11.16 28.21
C PHE D 287 16.43 -10.61 26.95
N GLU D 288 17.32 -9.62 27.10
CA GLU D 288 17.93 -8.99 25.94
C GLU D 288 18.94 -9.91 25.26
N GLN D 289 19.65 -10.74 26.03
CA GLN D 289 20.57 -11.68 25.43
C GLN D 289 19.84 -12.74 24.61
N ASN D 290 18.71 -13.22 25.11
CA ASN D 290 17.93 -14.21 24.36
C ASN D 290 17.26 -13.59 23.14
N ALA D 291 16.79 -12.35 23.26
CA ALA D 291 16.20 -11.67 22.11
C ALA D 291 17.25 -11.39 21.04
N LEU D 292 18.46 -11.03 21.45
CA LEU D 292 19.55 -10.83 20.50
C LEU D 292 19.93 -12.14 19.82
N GLU D 293 20.06 -13.21 20.61
CA GLU D 293 20.36 -14.53 20.05
C GLU D 293 19.28 -14.99 19.08
N GLY D 294 18.02 -14.70 19.39
CA GLY D 294 16.89 -15.24 18.66
C GLY D 294 16.63 -14.65 17.29
N MET D 295 17.28 -13.54 16.94
CA MET D 295 16.99 -12.87 15.68
C MET D 295 18.20 -12.78 14.75
N LEU D 296 19.36 -13.30 15.13
CA LEU D 296 20.54 -13.18 14.29
C LEU D 296 20.35 -13.85 12.94
N ASP D 297 19.68 -15.01 12.92
CA ASP D 297 19.43 -15.68 11.65
C ASP D 297 18.47 -14.89 10.77
N THR D 298 17.43 -14.30 11.37
CA THR D 298 16.52 -13.45 10.62
C THR D 298 17.26 -12.26 10.03
N LEU D 299 18.11 -11.62 10.83
CA LEU D 299 18.84 -10.44 10.36
C LEU D 299 19.84 -10.81 9.27
N LYS D 300 20.53 -11.94 9.42
CA LYS D 300 21.52 -12.35 8.42
C LYS D 300 20.87 -12.66 7.08
N LYS D 301 19.64 -13.17 7.08
CA LYS D 301 18.96 -13.45 5.83
C LYS D 301 18.36 -12.18 5.23
N ASP D 302 17.97 -11.21 6.07
CA ASP D 302 17.60 -9.90 5.55
C ASP D 302 18.77 -9.27 4.82
N ILE D 303 19.99 -9.39 5.37
CA ILE D 303 21.17 -8.80 4.76
C ILE D 303 21.53 -9.52 3.47
N ALA D 304 21.57 -10.86 3.50
CA ALA D 304 21.88 -11.62 2.31
C ALA D 304 20.89 -11.35 1.19
N LEU D 305 19.63 -11.14 1.55
CA LEU D 305 18.62 -10.77 0.56
C LEU D 305 19.03 -9.52 -0.21
N GLY D 306 19.56 -8.51 0.49
CA GLY D 306 19.99 -7.30 -0.18
C GLY D 306 21.29 -7.47 -0.94
N GLN D 307 22.20 -8.30 -0.41
CA GLN D 307 23.49 -8.51 -1.07
C GLN D 307 23.31 -9.22 -2.41
N GLU D 308 22.49 -10.27 -2.44
CA GLU D 308 22.34 -11.06 -3.66
C GLU D 308 21.54 -10.33 -4.73
N PHE D 309 20.73 -9.34 -4.35
CA PHE D 309 20.00 -8.57 -5.35
C PHE D 309 20.96 -7.82 -6.28
N VAL D 310 22.05 -7.30 -5.72
CA VAL D 310 23.01 -6.56 -6.53
C VAL D 310 24.02 -7.51 -7.18
N ASN D 311 24.57 -8.43 -6.40
CA ASN D 311 25.59 -9.35 -6.90
C ASN D 311 24.97 -10.70 -7.30
AG AG E . -25.92 -27.24 5.11
AG AG F . -25.85 -26.35 8.03
AG AG G . -22.04 -33.63 0.94
AG AG H . -21.15 -35.78 2.46
AG AG I . -4.23 -42.79 -6.43
AG AG J . -7.04 -42.31 -8.05
AG AG K . -1.03 -31.03 0.02
AG AG L . 11.74 -12.27 -27.95
AG AG M . 15.02 -11.38 -28.44
AG AG N . 4.19 -10.69 -30.65
AG AG O . 3.84 -7.94 -31.64
AG AG P . 0.59 -10.03 -30.67
AG AG Q . -14.11 -5.18 -27.11
AG AG R . -14.62 -2.56 -25.18
AG AG S . -6.13 -3.16 -14.14
AG AG T . -11.02 32.83 24.12
AG AG U . -9.45 30.74 24.98
AG AG V . -7.04 33.29 23.36
AG AG W . 0.18 42.57 10.13
AG AG X . 1.11 41.92 13.13
AG AG Y . -4.28 30.84 4.64
AG AG Z . 28.46 16.80 -2.78
AG AG AA . 29.16 16.14 -5.73
AG AG BA . 29.09 13.02 5.06
AG AG CA . 27.81 12.67 8.24
AG AG DA . 21.35 5.25 20.70
AG AG EA . 19.85 2.50 20.52
#